data_7XJP
#
_entry.id   7XJP
#
_cell.length_a   1.00
_cell.length_b   1.00
_cell.length_c   1.00
_cell.angle_alpha   90.00
_cell.angle_beta   90.00
_cell.angle_gamma   90.00
#
_symmetry.space_group_name_H-M   'P 1'
#
loop_
_entity.id
_entity.type
_entity.pdbx_description
1 polymer 'Protein EDS1'
2 polymer 'Senescence-associated carboxylesterase 101'
3 non-polymer 'ISOPROPYL ALCOHOL'
4 non-polymer ADENOSINE-5-DIPHOSPHORIBOSE
5 non-polymer "ADENOSINE-5'-TRIPHOSPHATE"
#
loop_
_entity_poly.entity_id
_entity_poly.type
_entity_poly.pdbx_seq_one_letter_code
_entity_poly.pdbx_strand_id
1 'polypeptide(L)'
;MAFEALTGINGDLITRSWSASKQAYLTERYHKEEAGAVVIFAFQPSFSEKDFFDPDNKSSFGEIKLNRVQFPCMRKIGKG
DVATVNEAFLKNLEAIIDPRTSFQASVEMAVRSRKQIVFTGHSSGGATAILATVWYLEKYFIRNPNVYLEPRCVTFGAPL
VGDSIFSHALGREKWSRFFVNFVSRFDIVPRIMLARKASVEETLPHVLAQLDPRKSSVQESEQRITEFYTRVMRDTSTVA
NQAVCELTGSAEAFLETLSSFLELSPYRPAGTFVFSTEKRLVAVNNSDAILQMLFYTSQASDEQEWSLIPFRSIRDHHSY
EELVQSMGKKLFNHLDGENSIESTLNDLGVSTRGRQYVQAALEEEKKRVENQKKIIQVIEQERFLKKLAWIEDEYKPKCQ
AHKNGYYDSFKVSNEENDFKANVKRAELAGVFDEVLGLMKKCQLPDEFEGDIDWIKLATRYRRLVEPLDIANYHRHLKNE
DTGPYMKRGRPTRYIYAQRGYEHYILKPNGMIAEDVFWNKVNGLNLGLQLEEIQETLKNSGSECGSCFWAEVEELKGKPY
EEVEVRVKTLEGMLGEWITDGEVDDKEIFLEGSTFRKWWITLPKNHKSHSPLRDYMMDEITDT
;
A
2 'polypeptide(L)'
;MESSSSLKGSALGKLVVTSGLLHSSWSKILEIHNPPYSNHDPGLQVSKKKKDSGLEFQIHREEKFTLVVFSAPPICRSSS
SDSTLLHVKDKENPFPFLCSENNPSFSLHTPAFNLFTSASTSLTYLKSELLQTLKSEKPVIITGAALGGSVASLYTLWLL
ETIEPTLKRPLCITFGSPLIGDASLQQILENSVRNSCFLHVVSAQTRIKMDFFKPFGTFLICFDSGCVCIEDHVAVTELL
NGVHDSGLVDYSQVLNRLDQSMLSLADSRLIPEDVIKGIEKRAEMKNLRFDMMFKKLNDMKISMAYIEWYKKKCKEVKIG
YYDRFKTQLAFPSKEFDINIKNHHKSELNRFWKSVVEEVERRPQSDASILKRRFLFSGNNYRRMIEPLDIAEYYLEGRKE
YRTTGRSHHYVMLEKWFGMESILIEKERCKKRDLSDLLTFDSCFWAEVEDSLIVINQLNTTVGMRDDVREVLTRKLVEFE
GYVWEIITKREVSPEIFLEESSFMKWWKEYKKIKGFNSSYLTEFMNTRKYESYGKSQ
;
B
#
loop_
_chem_comp.id
_chem_comp.type
_chem_comp.name
_chem_comp.formula
APR non-polymer ADENOSINE-5-DIPHOSPHORIBOSE 'C15 H23 N5 O14 P2'
ATP non-polymer ADENOSINE-5'-TRIPHOSPHATE 'C10 H16 N5 O13 P3'
IPA non-polymer 'ISOPROPYL ALCOHOL' 'C3 H8 O'
#
# COMPACT_ATOMS: atom_id res chain seq x y z
N ALA A 2 1.58 7.06 41.92
CA ALA A 2 1.11 7.46 40.60
C ALA A 2 2.14 7.09 39.53
N PHE A 3 3.36 7.58 39.71
CA PHE A 3 4.44 7.25 38.78
C PHE A 3 4.69 5.74 38.76
N GLU A 4 4.92 5.15 39.93
CA GLU A 4 5.23 3.72 40.00
C GLU A 4 4.10 2.88 39.45
N ALA A 5 2.85 3.30 39.64
CA ALA A 5 1.72 2.54 39.13
C ALA A 5 1.79 2.43 37.60
N LEU A 6 2.07 3.54 36.94
CA LEU A 6 2.13 3.53 35.47
C LEU A 6 3.38 2.84 34.97
N THR A 7 4.55 3.24 35.48
CA THR A 7 5.81 2.77 34.91
C THR A 7 6.20 1.39 35.43
N GLY A 8 5.84 1.06 36.66
CA GLY A 8 6.20 -0.23 37.22
C GLY A 8 7.53 -0.26 37.96
N ILE A 9 8.13 0.90 38.23
CA ILE A 9 9.38 0.98 38.96
C ILE A 9 9.28 2.15 39.94
N ASN A 10 9.89 1.97 41.12
CA ASN A 10 9.84 2.97 42.17
C ASN A 10 11.09 3.85 42.12
N GLY A 11 11.10 4.89 42.96
CA GLY A 11 12.23 5.81 42.97
C GLY A 11 13.53 5.16 43.39
N ASP A 12 13.45 4.13 44.24
CA ASP A 12 14.65 3.43 44.68
C ASP A 12 15.39 2.82 43.50
N LEU A 13 14.66 2.10 42.64
CA LEU A 13 15.30 1.49 41.48
C LEU A 13 15.83 2.53 40.51
N ILE A 14 15.13 3.66 40.38
CA ILE A 14 15.61 4.74 39.53
C ILE A 14 16.96 5.24 40.04
N THR A 15 17.03 5.53 41.34
CA THR A 15 18.29 6.04 41.91
C THR A 15 19.40 5.01 41.80
N ARG A 16 19.09 3.73 42.02
CA ARG A 16 20.12 2.71 41.94
C ARG A 16 20.62 2.53 40.51
N SER A 17 19.72 2.60 39.53
CA SER A 17 20.15 2.50 38.14
C SER A 17 20.97 3.72 37.74
N TRP A 18 20.63 4.89 38.27
CA TRP A 18 21.44 6.08 37.99
C TRP A 18 22.84 5.91 38.56
N SER A 19 22.95 5.44 39.80
CA SER A 19 24.26 5.25 40.40
C SER A 19 25.05 4.18 39.66
N ALA A 20 24.39 3.11 39.23
CA ALA A 20 25.11 2.05 38.52
C ALA A 20 25.55 2.51 37.13
N SER A 21 24.72 3.33 36.46
CA SER A 21 25.12 3.88 35.19
C SER A 21 26.35 4.78 35.35
N LYS A 22 26.36 5.61 36.40
CA LYS A 22 27.54 6.43 36.65
C LYS A 22 28.75 5.56 37.00
N GLN A 23 28.53 4.44 37.67
CA GLN A 23 29.64 3.53 37.96
C GLN A 23 30.17 2.87 36.69
N ALA A 24 29.31 2.69 35.69
CA ALA A 24 29.70 1.95 34.49
C ALA A 24 30.71 2.70 33.62
N TYR A 25 30.95 3.99 33.88
CA TYR A 25 31.92 4.73 33.08
C TYR A 25 33.31 4.10 33.16
N LEU A 26 33.72 3.66 34.35
CA LEU A 26 35.10 3.24 34.56
C LEU A 26 35.35 1.82 34.07
N THR A 27 34.35 0.96 34.10
CA THR A 27 34.55 -0.43 33.73
C THR A 27 34.61 -0.59 32.22
N GLU A 28 34.62 -1.83 31.76
CA GLU A 28 34.70 -2.15 30.33
C GLU A 28 33.35 -2.68 29.85
N ARG A 29 32.62 -1.82 29.13
CA ARG A 29 31.45 -2.17 28.34
C ARG A 29 30.22 -2.53 29.16
N TYR A 30 30.38 -2.74 30.48
CA TYR A 30 29.25 -2.98 31.36
C TYR A 30 29.71 -3.15 32.80
N HIS A 31 28.83 -2.81 33.75
CA HIS A 31 29.10 -2.94 35.18
C HIS A 31 27.96 -3.71 35.81
N LYS A 32 28.30 -4.72 36.59
CA LYS A 32 27.32 -5.59 37.24
C LYS A 32 27.22 -5.22 38.71
N GLU A 33 26.03 -4.78 39.13
CA GLU A 33 25.76 -4.37 40.50
C GLU A 33 24.71 -5.29 41.09
N GLU A 34 24.83 -5.59 42.38
CA GLU A 34 23.90 -6.48 43.07
C GLU A 34 23.36 -5.79 44.31
N ALA A 35 22.05 -5.56 44.34
CA ALA A 35 21.36 -4.96 45.47
C ALA A 35 20.29 -5.94 45.93
N GLY A 36 20.67 -6.86 46.80
CA GLY A 36 19.72 -7.82 47.33
C GLY A 36 19.11 -8.67 46.24
N ALA A 37 17.82 -8.46 46.00
CA ALA A 37 17.09 -9.22 44.99
C ALA A 37 17.22 -8.65 43.59
N VAL A 38 17.89 -7.51 43.43
CA VAL A 38 18.01 -6.87 42.13
C VAL A 38 19.43 -7.03 41.62
N VAL A 39 19.57 -7.29 40.33
CA VAL A 39 20.87 -7.35 39.67
C VAL A 39 20.82 -6.40 38.49
N ILE A 40 21.60 -5.31 38.56
CA ILE A 40 21.58 -4.23 37.59
C ILE A 40 22.79 -4.37 36.69
N PHE A 41 22.55 -4.50 35.38
CA PHE A 41 23.61 -4.51 34.38
C PHE A 41 23.64 -3.15 33.70
N ALA A 42 24.53 -2.27 34.14
CA ALA A 42 24.70 -0.98 33.50
C ALA A 42 25.67 -1.14 32.35
N PHE A 43 25.57 -0.25 31.36
CA PHE A 43 26.40 -0.34 30.17
C PHE A 43 27.20 0.95 29.98
N GLN A 44 28.44 0.79 29.52
CA GLN A 44 29.37 1.89 29.44
C GLN A 44 29.08 2.73 28.20
N PRO A 45 28.82 4.03 28.34
CA PRO A 45 28.64 4.86 27.15
C PRO A 45 29.97 5.12 26.46
N SER A 46 29.92 5.18 25.13
CA SER A 46 31.10 5.43 24.31
C SER A 46 30.81 6.66 23.45
N PHE A 47 31.36 7.80 23.86
CA PHE A 47 31.07 9.08 23.22
C PHE A 47 31.88 9.30 21.96
N SER A 48 32.46 8.25 21.39
CA SER A 48 33.16 8.37 20.12
C SER A 48 32.18 8.26 18.98
N GLU A 49 32.45 9.01 17.91
CA GLU A 49 31.54 9.10 16.78
C GLU A 49 31.53 7.82 15.96
N LYS A 50 32.53 6.95 16.16
CA LYS A 50 32.46 5.59 15.65
C LYS A 50 31.31 4.81 16.27
N ASP A 51 30.88 5.20 17.47
CA ASP A 51 29.88 4.47 18.23
C ASP A 51 28.47 5.05 18.06
N PHE A 52 28.26 5.86 17.02
CA PHE A 52 26.93 6.28 16.63
C PHE A 52 26.61 5.99 15.17
N PHE A 53 27.59 6.11 14.28
CA PHE A 53 27.45 5.74 12.88
C PHE A 53 28.61 4.82 12.53
N ASP A 54 28.32 3.53 12.34
CA ASP A 54 29.36 2.57 12.05
C ASP A 54 30.08 2.96 10.77
N PRO A 55 31.42 2.84 10.72
CA PRO A 55 32.13 3.25 9.50
C PRO A 55 31.84 2.35 8.31
N ASP A 56 31.80 1.03 8.51
CA ASP A 56 31.56 0.11 7.41
C ASP A 56 30.13 0.16 6.90
N ASN A 57 29.25 0.91 7.55
CA ASN A 57 27.88 1.04 7.08
C ASN A 57 27.78 2.11 6.01
N LYS A 58 27.05 1.80 4.93
CA LYS A 58 26.94 2.70 3.80
C LYS A 58 25.69 3.57 3.82
N SER A 59 24.66 3.18 4.58
CA SER A 59 23.41 3.92 4.57
C SER A 59 23.59 5.30 5.19
N SER A 60 22.58 6.13 5.03
CA SER A 60 22.64 7.50 5.50
C SER A 60 22.21 7.67 6.95
N PHE A 61 21.98 6.57 7.67
CA PHE A 61 21.66 6.65 9.09
C PHE A 61 22.33 5.56 9.92
N GLY A 62 23.21 4.75 9.34
CA GLY A 62 23.88 3.72 10.08
C GLY A 62 22.94 2.68 10.64
N GLU A 63 21.97 2.25 9.84
CA GLU A 63 20.94 1.33 10.28
C GLU A 63 21.04 0.02 9.51
N ILE A 64 20.68 -1.08 10.17
CA ILE A 64 20.79 -2.41 9.61
C ILE A 64 19.58 -3.24 10.03
N LYS A 65 19.22 -4.19 9.19
CA LYS A 65 18.15 -5.12 9.51
C LYS A 65 18.64 -6.21 10.45
N LEU A 66 17.87 -6.49 11.48
CA LEU A 66 18.22 -7.55 12.41
C LEU A 66 18.24 -8.90 11.71
N ASN A 67 19.08 -9.80 12.21
CA ASN A 67 19.05 -11.17 11.73
C ASN A 67 17.77 -11.84 12.20
N ARG A 68 17.04 -12.46 11.27
CA ARG A 68 15.75 -13.04 11.61
C ARG A 68 15.88 -14.28 12.48
N VAL A 69 17.08 -14.84 12.62
CA VAL A 69 17.27 -15.99 13.49
C VAL A 69 17.55 -15.56 14.92
N GLN A 70 18.34 -14.51 15.09
CA GLN A 70 18.71 -14.07 16.43
C GLN A 70 17.61 -13.23 17.09
N PHE A 71 16.85 -12.48 16.30
CA PHE A 71 15.74 -11.66 16.80
C PHE A 71 14.47 -11.99 16.03
N PRO A 72 13.97 -13.22 16.14
CA PRO A 72 12.83 -13.60 15.30
C PRO A 72 11.55 -12.83 15.61
N CYS A 73 11.27 -12.58 16.89
CA CYS A 73 10.02 -11.94 17.26
C CYS A 73 9.96 -10.46 16.89
N MET A 74 11.06 -9.88 16.41
CA MET A 74 11.10 -8.45 16.09
C MET A 74 10.87 -8.27 14.59
N ARG A 75 9.61 -8.34 14.20
CA ARG A 75 9.23 -8.17 12.80
C ARG A 75 7.72 -8.08 12.73
N LYS A 76 7.21 -7.65 11.57
CA LYS A 76 5.78 -7.72 11.29
C LYS A 76 5.43 -9.15 10.93
N ILE A 77 4.54 -9.76 11.71
CA ILE A 77 4.28 -11.19 11.57
C ILE A 77 3.63 -11.49 10.23
N GLY A 78 2.62 -10.71 9.86
CA GLY A 78 1.95 -10.92 8.60
C GLY A 78 2.80 -10.57 7.39
N LYS A 79 3.23 -9.32 7.31
CA LYS A 79 4.00 -8.86 6.16
C LYS A 79 5.32 -9.62 6.03
N GLY A 80 6.04 -9.77 7.14
CA GLY A 80 7.33 -10.43 7.13
C GLY A 80 8.54 -9.52 7.13
N ASP A 81 8.34 -8.22 7.36
CA ASP A 81 9.44 -7.27 7.35
C ASP A 81 10.16 -7.28 8.70
N VAL A 82 11.47 -7.49 8.67
CA VAL A 82 12.26 -7.46 9.89
C VAL A 82 12.52 -6.01 10.27
N ALA A 83 12.77 -5.79 11.57
CA ALA A 83 12.94 -4.44 12.08
C ALA A 83 14.34 -3.93 11.82
N THR A 84 14.52 -2.63 12.00
CA THR A 84 15.76 -1.94 11.70
C THR A 84 16.33 -1.30 12.96
N VAL A 85 17.61 -1.58 13.23
CA VAL A 85 18.27 -1.08 14.43
C VAL A 85 19.58 -0.41 14.04
N ASN A 86 20.04 0.49 14.92
CA ASN A 86 21.31 1.18 14.68
C ASN A 86 22.46 0.20 14.78
N GLU A 87 23.28 0.12 13.73
CA GLU A 87 24.28 -0.93 13.64
C GLU A 87 25.43 -0.70 14.61
N ALA A 88 25.73 0.55 14.94
CA ALA A 88 26.77 0.83 15.94
C ALA A 88 26.44 0.17 17.27
N PHE A 89 25.26 0.46 17.81
CA PHE A 89 24.85 -0.12 19.09
C PHE A 89 24.70 -1.63 18.99
N LEU A 90 24.26 -2.12 17.84
CA LEU A 90 24.10 -3.56 17.69
C LEU A 90 25.45 -4.27 17.72
N LYS A 91 26.44 -3.71 17.01
CA LYS A 91 27.78 -4.27 17.05
C LYS A 91 28.34 -4.22 18.46
N ASN A 92 28.07 -3.14 19.18
CA ASN A 92 28.43 -3.10 20.60
C ASN A 92 27.80 -4.26 21.36
N LEU A 93 26.52 -4.52 21.12
CA LEU A 93 25.81 -5.57 21.84
C LEU A 93 26.40 -6.94 21.56
N GLU A 94 26.57 -7.30 20.28
CA GLU A 94 27.15 -8.62 20.02
C GLU A 94 28.65 -8.68 20.34
N ALA A 95 29.28 -7.52 20.51
CA ALA A 95 30.70 -7.53 20.95
C ALA A 95 30.71 -7.96 22.42
N ILE A 96 29.88 -7.34 23.24
CA ILE A 96 29.77 -7.71 24.69
C ILE A 96 29.24 -9.15 24.81
N ILE A 97 28.28 -9.55 23.97
CA ILE A 97 27.63 -10.88 24.14
C ILE A 97 28.63 -12.04 23.97
N ASP A 98 29.57 -11.95 23.03
CA ASP A 98 30.50 -13.09 22.75
C ASP A 98 30.82 -13.87 24.04
N PRO A 99 30.91 -15.22 23.98
CA PRO A 99 31.10 -16.05 25.19
C PRO A 99 32.32 -15.68 26.01
N ARG A 100 33.32 -15.03 25.42
CA ARG A 100 34.55 -14.74 26.14
C ARG A 100 34.35 -13.62 27.17
N THR A 101 33.27 -12.85 27.04
CA THR A 101 33.09 -11.65 27.87
C THR A 101 32.48 -11.98 29.23
N SER A 102 31.91 -13.17 29.40
CA SER A 102 31.32 -13.63 30.66
C SER A 102 30.09 -12.81 31.06
N PHE A 103 29.46 -12.12 30.10
CA PHE A 103 28.18 -11.49 30.35
C PHE A 103 27.04 -12.50 30.38
N GLN A 104 27.06 -13.45 29.45
CA GLN A 104 25.96 -14.41 29.33
C GLN A 104 25.89 -15.32 30.55
N ALA A 105 27.05 -15.82 31.01
CA ALA A 105 27.04 -16.66 32.21
C ALA A 105 26.53 -15.88 33.42
N SER A 106 26.86 -14.60 33.52
CA SER A 106 26.37 -13.78 34.61
C SER A 106 24.86 -13.65 34.55
N VAL A 107 24.30 -13.31 33.39
CA VAL A 107 22.86 -13.12 33.32
C VAL A 107 22.14 -14.45 33.53
N GLU A 108 22.71 -15.56 33.08
CA GLU A 108 22.00 -16.82 33.24
C GLU A 108 22.04 -17.30 34.68
N MET A 109 23.16 -17.10 35.39
CA MET A 109 23.16 -17.41 36.81
C MET A 109 22.25 -16.44 37.57
N ALA A 110 22.07 -15.22 37.04
CA ALA A 110 21.15 -14.28 37.65
C ALA A 110 19.70 -14.74 37.50
N VAL A 111 19.34 -15.27 36.34
CA VAL A 111 17.98 -15.77 36.18
C VAL A 111 17.79 -17.07 36.96
N ARG A 112 18.87 -17.85 37.13
CA ARG A 112 18.77 -19.02 37.98
C ARG A 112 18.48 -18.64 39.43
N SER A 113 19.00 -17.51 39.88
CA SER A 113 18.76 -17.04 41.24
C SER A 113 17.47 -16.26 41.37
N ARG A 114 16.71 -16.12 40.29
CA ARG A 114 15.39 -15.48 40.31
C ARG A 114 15.48 -14.05 40.83
N LYS A 115 16.34 -13.26 40.21
CA LYS A 115 16.54 -11.87 40.58
C LYS A 115 15.87 -10.96 39.55
N GLN A 116 15.42 -9.80 40.02
CA GLN A 116 14.89 -8.78 39.11
C GLN A 116 16.05 -8.14 38.37
N ILE A 117 16.18 -8.45 37.08
CA ILE A 117 17.28 -7.97 36.26
C ILE A 117 16.89 -6.63 35.65
N VAL A 118 17.78 -5.64 35.78
CA VAL A 118 17.56 -4.31 35.24
C VAL A 118 18.73 -3.96 34.35
N PHE A 119 18.44 -3.50 33.13
CA PHE A 119 19.44 -3.00 32.20
C PHE A 119 19.33 -1.49 32.15
N THR A 120 20.46 -0.80 32.26
CA THR A 120 20.44 0.65 32.37
C THR A 120 21.72 1.23 31.80
N GLY A 121 21.70 2.53 31.57
CA GLY A 121 22.87 3.22 31.08
C GLY A 121 22.57 4.67 30.78
N HIS A 122 23.64 5.46 30.71
CA HIS A 122 23.53 6.84 30.25
C HIS A 122 23.45 6.82 28.72
N SER A 123 23.71 7.96 28.07
CA SER A 123 23.24 8.22 26.72
C SER A 123 23.34 7.04 25.75
N SER A 124 24.55 6.58 25.43
CA SER A 124 24.66 5.44 24.52
C SER A 124 24.63 4.13 25.27
N GLY A 125 25.03 4.12 26.54
CA GLY A 125 24.73 2.98 27.38
C GLY A 125 23.25 2.69 27.44
N GLY A 126 22.41 3.73 27.31
CA GLY A 126 20.98 3.50 27.27
C GLY A 126 20.54 2.74 26.04
N ALA A 127 21.08 3.08 24.88
CA ALA A 127 20.75 2.35 23.66
C ALA A 127 21.25 0.91 23.74
N THR A 128 22.48 0.71 24.24
CA THR A 128 22.96 -0.65 24.44
C THR A 128 22.06 -1.40 25.42
N ALA A 129 21.54 -0.72 26.44
CA ALA A 129 20.63 -1.35 27.39
C ALA A 129 19.34 -1.77 26.72
N ILE A 130 18.80 -0.91 25.84
CA ILE A 130 17.59 -1.27 25.11
C ILE A 130 17.82 -2.53 24.28
N LEU A 131 18.92 -2.57 23.54
CA LEU A 131 19.19 -3.73 22.70
C LEU A 131 19.43 -4.98 23.53
N ALA A 132 20.09 -4.84 24.68
CA ALA A 132 20.31 -6.00 25.54
C ALA A 132 19.01 -6.47 26.17
N THR A 133 18.12 -5.55 26.52
CA THR A 133 16.80 -5.95 27.00
C THR A 133 16.04 -6.73 25.93
N VAL A 134 16.15 -6.29 24.68
CA VAL A 134 15.49 -7.01 23.59
C VAL A 134 16.07 -8.42 23.46
N TRP A 135 17.40 -8.52 23.48
CA TRP A 135 18.04 -9.84 23.40
C TRP A 135 17.60 -10.74 24.54
N TYR A 136 17.51 -10.19 25.74
CA TYR A 136 17.10 -10.98 26.91
C TYR A 136 15.67 -11.45 26.76
N LEU A 137 14.77 -10.54 26.37
CA LEU A 137 13.38 -10.91 26.13
C LEU A 137 13.26 -11.99 25.06
N GLU A 138 14.13 -11.96 24.05
CA GLU A 138 14.05 -12.94 22.98
C GLU A 138 14.65 -14.28 23.38
N LYS A 139 15.62 -14.30 24.28
CA LYS A 139 16.26 -15.55 24.62
C LYS A 139 15.70 -16.21 25.87
N TYR A 140 15.17 -15.45 26.82
CA TYR A 140 14.73 -16.02 28.08
C TYR A 140 13.25 -15.83 28.36
N PHE A 141 12.74 -14.61 28.21
CA PHE A 141 11.35 -14.36 28.61
C PHE A 141 10.35 -15.05 27.70
N ILE A 142 10.69 -15.25 26.43
CA ILE A 142 9.74 -15.86 25.50
C ILE A 142 9.71 -17.38 25.61
N ARG A 143 10.72 -17.99 26.21
CA ARG A 143 10.74 -19.45 26.33
C ARG A 143 9.78 -19.91 27.43
N ASN A 144 10.02 -19.45 28.65
CA ASN A 144 9.18 -19.80 29.81
C ASN A 144 8.79 -18.50 30.50
N PRO A 145 7.69 -17.89 30.08
CA PRO A 145 7.33 -16.56 30.59
C PRO A 145 6.84 -16.62 32.03
N ASN A 146 7.38 -15.74 32.87
CA ASN A 146 6.95 -15.59 34.26
C ASN A 146 7.17 -14.16 34.67
N VAL A 147 6.55 -13.77 35.79
CA VAL A 147 6.80 -12.45 36.35
C VAL A 147 8.16 -12.40 37.04
N TYR A 148 8.73 -13.57 37.39
CA TYR A 148 10.08 -13.59 37.94
C TYR A 148 11.13 -13.23 36.90
N LEU A 149 10.80 -13.33 35.62
CA LEU A 149 11.74 -13.03 34.56
C LEU A 149 11.50 -11.66 33.92
N GLU A 150 10.44 -10.96 34.33
CA GLU A 150 10.12 -9.63 33.81
C GLU A 150 11.31 -8.70 33.95
N PRO A 151 11.92 -8.29 32.85
CA PRO A 151 13.05 -7.37 32.92
C PRO A 151 12.59 -5.93 33.03
N ARG A 152 13.56 -5.04 33.21
CA ARG A 152 13.32 -3.61 33.19
C ARG A 152 14.48 -2.93 32.47
N CYS A 153 14.14 -1.90 31.70
CA CYS A 153 15.14 -1.07 31.04
C CYS A 153 14.90 0.36 31.46
N VAL A 154 15.93 0.98 32.04
CA VAL A 154 15.84 2.35 32.52
C VAL A 154 16.98 3.13 31.88
N THR A 155 16.65 4.11 31.05
CA THR A 155 17.66 4.86 30.32
C THR A 155 17.52 6.34 30.60
N PHE A 156 18.63 7.05 30.54
CA PHE A 156 18.67 8.49 30.74
C PHE A 156 19.27 9.14 29.51
N GLY A 157 18.47 9.94 28.81
CA GLY A 157 18.93 10.61 27.61
C GLY A 157 19.49 9.70 26.55
N ALA A 158 18.90 8.52 26.38
CA ALA A 158 19.34 7.62 25.34
C ALA A 158 18.87 8.13 23.98
N PRO A 159 19.55 7.71 22.91
CA PRO A 159 19.06 8.04 21.56
C PRO A 159 18.15 6.96 21.02
N LEU A 160 17.44 7.31 19.95
CA LEU A 160 16.53 6.38 19.31
C LEU A 160 17.32 5.20 18.75
N VAL A 161 16.75 4.01 18.85
CA VAL A 161 17.49 2.79 18.52
C VAL A 161 16.86 2.04 17.36
N GLY A 162 15.55 2.15 17.20
CA GLY A 162 14.82 1.34 16.25
C GLY A 162 13.86 2.17 15.40
N ASP A 163 13.37 1.53 14.34
CA ASP A 163 12.47 2.14 13.39
C ASP A 163 11.02 1.89 13.81
N SER A 164 10.09 2.16 12.90
CA SER A 164 8.67 1.97 13.21
C SER A 164 8.34 0.50 13.43
N ILE A 165 8.97 -0.40 12.67
CA ILE A 165 8.71 -1.82 12.86
C ILE A 165 9.23 -2.28 14.22
N PHE A 166 10.31 -1.67 14.70
CA PHE A 166 10.81 -1.99 16.04
C PHE A 166 9.78 -1.67 17.10
N SER A 167 9.28 -0.43 17.10
CA SER A 167 8.27 -0.04 18.08
C SER A 167 6.99 -0.84 17.91
N HIS A 168 6.65 -1.22 16.67
CA HIS A 168 5.46 -2.02 16.46
C HIS A 168 5.61 -3.42 17.06
N ALA A 169 6.75 -4.06 16.82
CA ALA A 169 6.98 -5.39 17.39
C ALA A 169 7.06 -5.33 18.91
N LEU A 170 7.54 -4.21 19.45
CA LEU A 170 7.53 -4.06 20.90
C LEU A 170 6.12 -3.90 21.44
N GLY A 171 5.29 -3.11 20.76
CA GLY A 171 3.92 -2.94 21.20
C GLY A 171 3.06 -4.16 21.00
N ARG A 172 3.43 -5.03 20.05
CA ARG A 172 2.63 -6.21 19.76
C ARG A 172 2.87 -7.31 20.78
N GLU A 173 4.12 -7.66 21.04
CA GLU A 173 4.45 -8.63 22.07
C GLU A 173 4.13 -8.14 23.46
N LYS A 174 3.59 -6.92 23.60
CA LYS A 174 3.30 -6.31 24.90
C LYS A 174 4.55 -6.23 25.76
N TRP A 175 5.63 -5.73 25.15
CA TRP A 175 6.89 -5.53 25.83
C TRP A 175 7.23 -4.06 26.06
N SER A 176 6.54 -3.14 25.38
CA SER A 176 6.88 -1.72 25.46
C SER A 176 6.60 -1.12 26.82
N ARG A 177 6.03 -1.87 27.75
CA ARG A 177 5.82 -1.35 29.10
C ARG A 177 7.06 -1.46 29.97
N PHE A 178 8.00 -2.35 29.62
CA PHE A 178 9.20 -2.53 30.42
C PHE A 178 10.12 -1.32 30.32
N PHE A 179 10.15 -0.66 29.18
CA PHE A 179 11.14 0.37 28.91
C PHE A 179 10.70 1.72 29.48
N VAL A 180 11.64 2.40 30.12
CA VAL A 180 11.46 3.76 30.60
C VAL A 180 12.66 4.58 30.16
N ASN A 181 12.40 5.75 29.58
CA ASN A 181 13.45 6.58 29.00
C ASN A 181 13.24 8.02 29.44
N PHE A 182 14.07 8.48 30.37
CA PHE A 182 13.97 9.85 30.84
C PHE A 182 14.61 10.80 29.83
N VAL A 183 13.97 11.93 29.61
CA VAL A 183 14.43 12.94 28.66
C VAL A 183 14.13 14.30 29.27
N SER A 184 15.17 15.01 29.66
CA SER A 184 14.96 16.37 30.14
C SER A 184 14.54 17.27 28.99
N ARG A 185 14.05 18.45 29.32
CA ARG A 185 13.33 19.26 28.34
C ARG A 185 14.22 19.77 27.21
N PHE A 186 15.54 19.60 27.30
CA PHE A 186 16.43 20.12 26.25
C PHE A 186 17.56 19.18 25.87
N ASP A 187 17.62 17.98 26.42
CA ASP A 187 18.68 17.04 26.06
C ASP A 187 18.68 16.82 24.55
N ILE A 188 19.89 16.77 23.99
CA ILE A 188 20.03 16.70 22.53
C ILE A 188 20.25 15.28 22.03
N VAL A 189 20.72 14.36 22.87
CA VAL A 189 21.05 13.00 22.47
C VAL A 189 19.80 12.23 22.07
N PRO A 190 18.64 12.44 22.73
CA PRO A 190 17.40 11.90 22.15
C PRO A 190 17.15 12.35 20.72
N ARG A 191 17.58 13.55 20.34
CA ARG A 191 17.26 14.12 19.05
C ARG A 191 18.32 13.88 17.99
N ILE A 192 19.53 13.50 18.37
CA ILE A 192 20.64 13.43 17.42
C ILE A 192 20.31 12.50 16.26
N MET A 193 20.02 11.23 16.57
CA MET A 193 19.84 10.25 15.51
C MET A 193 18.62 10.50 14.65
N LEU A 194 17.85 11.55 14.91
CA LEU A 194 16.79 11.97 13.98
C LEU A 194 17.32 12.80 12.82
N ALA A 195 18.60 13.13 12.82
CA ALA A 195 19.21 13.92 11.76
C ALA A 195 20.07 13.03 10.87
N ARG A 196 20.25 13.49 9.63
CA ARG A 196 21.04 12.75 8.66
C ARG A 196 22.50 12.72 9.09
N LYS A 197 23.22 11.72 8.59
CA LYS A 197 24.65 11.63 8.88
C LYS A 197 25.38 12.84 8.33
N ALA A 198 25.09 13.22 7.08
CA ALA A 198 25.80 14.33 6.46
C ALA A 198 25.45 15.66 7.11
N SER A 199 24.27 15.77 7.73
CA SER A 199 23.85 17.04 8.29
C SER A 199 24.69 17.43 9.50
N VAL A 200 25.27 16.46 10.20
CA VAL A 200 25.97 16.74 11.45
C VAL A 200 27.35 16.10 11.46
N GLU A 201 27.75 15.46 10.36
CA GLU A 201 29.04 14.78 10.33
C GLU A 201 30.21 15.73 10.55
N GLU A 202 30.02 17.03 10.31
CA GLU A 202 31.09 17.99 10.52
C GLU A 202 31.26 18.33 12.00
N THR A 203 30.18 18.79 12.64
CA THR A 203 30.24 19.24 14.03
C THR A 203 29.93 18.15 15.03
N LEU A 204 29.95 16.88 14.62
CA LEU A 204 29.64 15.82 15.57
C LEU A 204 30.78 15.53 16.54
N PRO A 205 32.05 15.42 16.10
CA PRO A 205 33.12 15.13 17.07
C PRO A 205 33.23 16.16 18.18
N HIS A 206 33.17 17.45 17.84
CA HIS A 206 33.29 18.48 18.87
C HIS A 206 32.18 18.37 19.90
N VAL A 207 30.93 18.17 19.44
CA VAL A 207 29.83 18.15 20.39
C VAL A 207 29.82 16.84 21.19
N LEU A 208 30.24 15.72 20.59
CA LEU A 208 30.31 14.49 21.37
C LEU A 208 31.42 14.54 22.40
N ALA A 209 32.52 15.24 22.10
CA ALA A 209 33.51 15.49 23.13
C ALA A 209 32.96 16.41 24.21
N GLN A 210 32.15 17.38 23.82
CA GLN A 210 31.49 18.27 24.78
C GLN A 210 30.46 17.54 25.62
N LEU A 211 29.98 16.37 25.18
CA LEU A 211 28.95 15.65 25.92
C LEU A 211 29.52 14.62 26.88
N ASP A 212 30.75 14.19 26.68
CA ASP A 212 31.38 13.23 27.58
C ASP A 212 31.52 13.85 28.97
N PRO A 213 30.98 13.22 30.01
CA PRO A 213 31.15 13.79 31.36
C PRO A 213 32.57 13.68 31.88
N ARG A 214 33.28 12.60 31.55
CA ARG A 214 34.59 12.35 32.12
C ARG A 214 35.58 13.47 31.81
N LYS A 215 35.84 13.69 30.52
CA LYS A 215 36.89 14.61 30.09
C LYS A 215 36.27 15.97 29.79
N SER A 216 36.30 16.85 30.80
CA SER A 216 35.90 18.24 30.64
C SER A 216 37.03 19.10 30.09
N SER A 217 38.09 18.48 29.56
CA SER A 217 39.21 19.22 29.02
C SER A 217 38.82 20.02 27.78
N VAL A 218 37.92 19.48 26.96
CA VAL A 218 37.45 20.21 25.80
C VAL A 218 36.76 21.49 26.25
N GLN A 219 36.91 22.55 25.46
CA GLN A 219 36.30 23.84 25.77
C GLN A 219 35.27 24.21 24.73
N GLU A 220 34.18 24.83 25.19
CA GLU A 220 33.01 25.05 24.36
C GLU A 220 33.32 25.99 23.19
N SER A 221 32.70 25.71 22.06
CA SER A 221 32.77 26.56 20.88
C SER A 221 31.36 27.04 20.55
N GLU A 222 31.22 28.35 20.38
CA GLU A 222 29.90 28.95 20.14
C GLU A 222 29.26 28.40 18.88
N GLN A 223 29.97 28.53 17.76
CA GLN A 223 29.37 28.26 16.46
C GLN A 223 29.14 26.78 16.21
N ARG A 224 30.04 25.91 16.70
CA ARG A 224 29.81 24.48 16.54
C ARG A 224 28.52 24.06 17.22
N ILE A 225 28.32 24.48 18.47
CA ILE A 225 27.10 24.13 19.19
C ILE A 225 25.88 24.72 18.50
N THR A 226 25.94 26.00 18.13
CA THR A 226 24.80 26.63 17.49
C THR A 226 24.42 25.93 16.20
N GLU A 227 25.40 25.65 15.34
CA GLU A 227 25.13 25.03 14.05
C GLU A 227 24.62 23.60 14.23
N PHE A 228 25.23 22.84 15.13
CA PHE A 228 24.79 21.47 15.36
C PHE A 228 23.36 21.44 15.84
N TYR A 229 23.03 22.28 16.82
CA TYR A 229 21.66 22.32 17.31
C TYR A 229 20.70 22.73 16.22
N THR A 230 21.10 23.71 15.41
CA THR A 230 20.22 24.20 14.31
C THR A 230 19.80 23.04 13.41
N ARG A 231 20.76 22.40 12.75
CA ARG A 231 20.41 21.33 11.77
C ARG A 231 19.71 20.18 12.49
N VAL A 232 20.17 19.80 13.68
CA VAL A 232 19.47 18.75 14.47
C VAL A 232 17.99 19.12 14.53
N MET A 233 17.71 20.40 14.82
CA MET A 233 16.32 20.84 14.93
C MET A 233 15.63 20.93 13.58
N ARG A 234 16.37 21.27 12.53
CA ARG A 234 15.74 21.31 11.20
C ARG A 234 15.35 19.92 10.74
N ASP A 235 16.26 18.95 10.90
CA ASP A 235 15.90 17.58 10.54
C ASP A 235 14.77 17.06 11.41
N THR A 236 14.76 17.44 12.69
CA THR A 236 13.67 17.03 13.57
C THR A 236 12.35 17.63 13.10
N SER A 237 12.36 18.91 12.73
CA SER A 237 11.14 19.57 12.28
C SER A 237 10.61 18.94 11.00
N THR A 238 11.49 18.59 10.06
CA THR A 238 10.99 17.99 8.83
C THR A 238 10.42 16.60 9.10
N VAL A 239 11.09 15.79 9.93
CA VAL A 239 10.54 14.47 10.24
C VAL A 239 9.21 14.60 10.97
N ALA A 240 9.08 15.58 11.86
CA ALA A 240 7.84 15.75 12.60
C ALA A 240 6.70 16.19 11.69
N ASN A 241 6.94 17.18 10.84
CA ASN A 241 5.91 17.61 9.89
C ASN A 241 5.50 16.48 8.96
N GLN A 242 6.46 15.67 8.52
CA GLN A 242 6.10 14.57 7.62
C GLN A 242 5.32 13.49 8.35
N ALA A 243 5.58 13.31 9.65
CA ALA A 243 4.74 12.41 10.43
C ALA A 243 3.35 12.97 10.62
N VAL A 244 3.23 14.29 10.70
CA VAL A 244 1.91 14.92 10.80
C VAL A 244 1.13 14.73 9.51
N CYS A 245 1.80 14.88 8.36
CA CYS A 245 1.09 14.76 7.09
C CYS A 245 0.70 13.32 6.79
N GLU A 246 1.45 12.34 7.29
CA GLU A 246 1.11 10.93 7.13
C GLU A 246 0.15 10.43 8.19
N LEU A 247 -0.48 11.34 8.95
CA LEU A 247 -1.33 10.93 10.05
C LEU A 247 -2.51 10.08 9.58
N THR A 248 -3.37 10.68 8.77
CA THR A 248 -4.54 9.98 8.25
C THR A 248 -4.34 9.46 6.84
N GLY A 249 -3.15 9.59 6.27
CA GLY A 249 -2.91 9.21 4.90
C GLY A 249 -3.40 10.21 3.88
N SER A 250 -3.77 11.42 4.31
CA SER A 250 -4.29 12.43 3.41
C SER A 250 -3.15 13.13 2.66
N ALA A 251 -3.49 13.81 1.56
CA ALA A 251 -2.49 14.57 0.78
C ALA A 251 -1.22 13.73 0.57
N GLU A 252 -1.34 12.41 0.62
CA GLU A 252 -0.15 11.53 0.52
C GLU A 252 0.52 11.68 -0.86
N ALA A 253 -0.27 11.80 -1.93
CA ALA A 253 0.34 11.84 -3.30
C ALA A 253 1.25 13.06 -3.44
N PHE A 254 0.84 14.22 -2.93
CA PHE A 254 1.74 15.41 -2.97
C PHE A 254 2.97 15.08 -2.13
N LEU A 255 2.75 14.42 -0.98
CA LEU A 255 3.87 14.04 -0.10
C LEU A 255 4.77 13.07 -0.87
N GLU A 256 4.16 12.16 -1.65
CA GLU A 256 4.95 11.14 -2.39
C GLU A 256 5.88 11.83 -3.39
N THR A 257 5.38 12.86 -4.08
CA THR A 257 6.25 13.62 -5.01
C THR A 257 7.41 14.18 -4.18
N LEU A 258 7.11 14.77 -3.02
CA LEU A 258 8.13 15.32 -2.14
C LEU A 258 9.01 14.23 -1.54
N SER A 259 8.40 13.10 -1.15
CA SER A 259 9.15 12.01 -0.55
C SER A 259 10.23 11.50 -1.49
N SER A 260 9.98 11.57 -2.80
CA SER A 260 11.05 11.25 -3.74
C SER A 260 12.18 12.28 -3.71
N PHE A 261 12.01 13.39 -2.98
CA PHE A 261 13.02 14.44 -2.88
C PHE A 261 13.57 14.62 -1.47
N LEU A 262 13.41 13.63 -0.59
CA LEU A 262 13.78 13.84 0.81
C LEU A 262 14.29 12.55 1.43
N GLU A 263 15.26 12.68 2.31
CA GLU A 263 15.70 11.61 3.21
C GLU A 263 15.25 11.93 4.63
N LEU A 264 14.61 10.97 5.27
CA LEU A 264 14.03 11.17 6.59
C LEU A 264 14.44 10.05 7.51
N SER A 265 14.70 10.39 8.77
CA SER A 265 15.19 9.41 9.73
C SER A 265 14.14 8.33 9.97
N PRO A 266 14.51 7.05 9.88
CA PRO A 266 13.54 5.99 10.16
C PRO A 266 13.31 5.79 11.65
N TYR A 267 14.29 6.16 12.47
CA TYR A 267 14.23 5.88 13.90
C TYR A 267 13.02 6.56 14.54
N ARG A 268 12.36 5.84 15.44
CA ARG A 268 11.16 6.30 16.10
C ARG A 268 11.23 5.96 17.58
N PRO A 269 10.60 6.77 18.43
CA PRO A 269 10.60 6.48 19.86
C PRO A 269 9.99 5.13 20.16
N ALA A 270 10.64 4.38 21.06
CA ALA A 270 10.20 3.05 21.44
C ALA A 270 10.14 2.97 22.95
N GLY A 271 8.95 2.78 23.49
CA GLY A 271 8.76 2.66 24.93
C GLY A 271 8.16 3.92 25.53
N THR A 272 8.12 3.92 26.86
CA THR A 272 7.62 5.06 27.60
C THR A 272 8.70 6.13 27.69
N PHE A 273 8.30 7.39 27.49
CA PHE A 273 9.23 8.52 27.55
C PHE A 273 8.74 9.49 28.60
N VAL A 274 9.58 9.75 29.59
CA VAL A 274 9.19 10.61 30.71
C VAL A 274 9.90 11.94 30.60
N PHE A 275 9.25 12.91 29.98
CA PHE A 275 9.80 14.25 29.92
C PHE A 275 9.83 14.86 31.32
N SER A 276 10.83 15.69 31.57
CA SER A 276 11.07 16.22 32.89
C SER A 276 11.41 17.69 32.82
N THR A 277 10.85 18.47 33.73
CA THR A 277 11.12 19.90 33.80
C THR A 277 11.53 20.28 35.21
N GLU A 278 11.61 21.59 35.47
CA GLU A 278 11.88 22.09 36.81
C GLU A 278 10.67 21.97 37.73
N LYS A 279 9.51 21.60 37.20
CA LYS A 279 8.29 21.54 38.00
C LYS A 279 7.45 20.29 37.76
N ARG A 280 7.62 19.58 36.66
CA ARG A 280 6.69 18.53 36.27
C ARG A 280 7.42 17.31 35.74
N LEU A 281 6.78 16.15 35.94
CA LEU A 281 7.09 14.94 35.19
C LEU A 281 5.91 14.63 34.29
N VAL A 282 6.19 14.35 33.02
CA VAL A 282 5.13 14.10 32.03
C VAL A 282 5.48 12.81 31.30
N ALA A 283 4.74 11.75 31.56
CA ALA A 283 4.97 10.47 30.91
C ALA A 283 4.11 10.36 29.66
N VAL A 284 4.71 9.85 28.58
CA VAL A 284 4.01 9.62 27.33
C VAL A 284 4.32 8.20 26.87
N ASN A 285 3.33 7.54 26.27
CA ASN A 285 3.51 6.21 25.71
C ASN A 285 3.22 6.15 24.22
N ASN A 286 2.77 7.24 23.62
CA ASN A 286 2.37 7.25 22.22
C ASN A 286 3.56 7.67 21.37
N SER A 287 4.05 6.76 20.52
CA SER A 287 5.26 7.01 19.74
C SER A 287 5.16 8.30 18.93
N ASP A 288 4.02 8.52 18.26
CA ASP A 288 3.88 9.73 17.45
C ASP A 288 3.78 10.97 18.31
N ALA A 289 3.07 10.89 19.44
CA ALA A 289 3.02 12.02 20.35
C ALA A 289 4.39 12.32 20.92
N ILE A 290 5.16 11.28 21.26
CA ILE A 290 6.53 11.48 21.71
C ILE A 290 7.33 12.20 20.63
N LEU A 291 7.16 11.77 19.37
CA LEU A 291 7.92 12.38 18.29
C LEU A 291 7.58 13.85 18.11
N GLN A 292 6.31 14.21 18.25
CA GLN A 292 5.93 15.62 18.14
C GLN A 292 6.44 16.42 19.33
N MET A 293 6.43 15.83 20.52
CA MET A 293 6.92 16.54 21.70
C MET A 293 8.42 16.72 21.66
N LEU A 294 9.13 15.80 21.01
CA LEU A 294 10.58 15.92 20.90
C LEU A 294 10.97 17.19 20.17
N PHE A 295 10.11 17.69 19.29
CA PHE A 295 10.38 18.93 18.57
C PHE A 295 9.73 20.14 19.23
N TYR A 296 8.46 20.06 19.61
CA TYR A 296 7.76 21.25 20.07
C TYR A 296 8.08 21.63 21.51
N THR A 297 8.57 20.69 22.33
CA THR A 297 8.94 21.05 23.70
C THR A 297 10.22 21.87 23.73
N SER A 298 11.15 21.59 22.80
CA SER A 298 12.45 22.24 22.73
C SER A 298 12.41 23.58 22.01
N GLN A 299 11.28 23.97 21.45
CA GLN A 299 11.21 25.23 20.72
C GLN A 299 11.40 26.39 21.68
N ALA A 300 11.86 27.51 21.13
CA ALA A 300 12.15 28.68 21.96
C ALA A 300 10.87 29.36 22.41
N SER A 301 10.89 29.90 23.62
CA SER A 301 9.76 30.68 24.11
C SER A 301 9.63 31.98 23.34
N ASP A 302 10.77 32.57 22.96
CA ASP A 302 10.79 33.75 22.11
C ASP A 302 12.15 33.82 21.42
N GLU A 303 12.25 34.73 20.44
CA GLU A 303 13.47 34.79 19.63
C GLU A 303 14.69 35.22 20.45
N GLN A 304 14.49 36.03 21.50
CA GLN A 304 15.61 36.44 22.33
C GLN A 304 16.30 35.25 22.98
N GLU A 305 15.56 34.18 23.23
CA GLU A 305 16.15 32.98 23.82
C GLU A 305 16.83 32.09 22.79
N TRP A 306 16.76 32.42 21.51
CA TRP A 306 17.46 31.63 20.49
C TRP A 306 18.96 31.50 20.77
N SER A 307 19.53 32.44 21.53
CA SER A 307 20.92 32.30 21.93
C SER A 307 21.08 31.30 23.07
N LEU A 308 20.18 31.36 24.06
CA LEU A 308 20.35 30.54 25.26
C LEU A 308 20.00 29.07 25.02
N ILE A 309 19.08 28.79 24.11
CA ILE A 309 18.60 27.42 23.95
C ILE A 309 19.70 26.43 23.61
N PRO A 310 20.56 26.67 22.61
CA PRO A 310 21.53 25.62 22.22
C PRO A 310 22.44 25.18 23.35
N PHE A 311 23.15 26.12 23.98
CA PHE A 311 24.10 25.77 25.03
C PHE A 311 23.43 24.95 26.12
N ARG A 312 22.31 25.45 26.65
CA ARG A 312 21.57 24.73 27.68
C ARG A 312 21.33 23.28 27.28
N SER A 313 21.03 23.06 26.00
CA SER A 313 20.86 21.71 25.48
C SER A 313 21.98 20.79 25.98
N ILE A 314 23.22 21.13 25.65
CA ILE A 314 24.35 20.31 26.08
C ILE A 314 24.36 20.19 27.60
N ARG A 315 24.18 21.32 28.29
CA ARG A 315 24.16 21.29 29.75
C ARG A 315 23.09 20.33 30.25
N ASP A 316 21.92 20.32 29.61
CA ASP A 316 20.84 19.49 30.11
C ASP A 316 21.11 18.01 29.89
N HIS A 317 22.12 17.65 29.10
CA HIS A 317 22.47 16.24 29.02
C HIS A 317 23.12 15.75 30.30
N HIS A 318 23.53 16.65 31.19
CA HIS A 318 24.14 16.26 32.45
C HIS A 318 23.31 16.69 33.65
N SER A 319 22.01 16.87 33.46
CA SER A 319 21.13 17.28 34.55
C SER A 319 20.41 16.11 35.21
N TYR A 320 20.72 14.87 34.82
CA TYR A 320 19.95 13.73 35.31
C TYR A 320 20.21 13.48 36.78
N GLU A 321 21.36 13.92 37.30
CA GLU A 321 21.59 13.85 38.74
C GLU A 321 20.57 14.68 39.50
N GLU A 322 20.45 15.97 39.14
CA GLU A 322 19.45 16.83 39.76
C GLU A 322 18.05 16.30 39.52
N LEU A 323 17.81 15.72 38.34
CA LEU A 323 16.51 15.14 38.03
C LEU A 323 16.15 14.04 39.03
N VAL A 324 17.01 13.02 39.14
CA VAL A 324 16.74 11.90 40.02
C VAL A 324 16.66 12.36 41.48
N GLN A 325 17.50 13.33 41.87
CA GLN A 325 17.47 13.79 43.25
C GLN A 325 16.18 14.52 43.59
N SER A 326 15.71 15.38 42.67
CA SER A 326 14.50 16.16 42.88
C SER A 326 13.27 15.51 42.24
N MET A 327 13.23 14.18 42.17
CA MET A 327 12.14 13.51 41.47
C MET A 327 10.84 13.60 42.25
N GLY A 328 10.89 13.42 43.57
CA GLY A 328 9.67 13.38 44.35
C GLY A 328 8.93 14.70 44.40
N LYS A 329 9.65 15.82 44.39
CA LYS A 329 9.02 17.12 44.53
C LYS A 329 8.34 17.60 43.26
N LYS A 330 8.51 16.90 42.15
CA LYS A 330 7.89 17.30 40.90
C LYS A 330 6.47 16.77 40.79
N LEU A 331 5.66 17.47 40.03
CA LEU A 331 4.27 17.08 39.79
C LEU A 331 4.21 16.11 38.62
N PHE A 332 3.48 15.02 38.79
CA PHE A 332 3.40 13.95 37.80
C PHE A 332 2.00 13.89 37.21
N ASN A 333 1.92 13.62 35.91
CA ASN A 333 0.63 13.44 35.24
C ASN A 333 0.83 12.73 33.92
N HIS A 334 0.14 11.60 33.75
CA HIS A 334 0.22 10.82 32.53
C HIS A 334 -0.53 11.56 31.42
N LEU A 335 0.18 11.86 30.33
CA LEU A 335 -0.41 12.68 29.28
C LEU A 335 -1.50 11.93 28.53
N ASP A 336 -1.21 10.68 28.14
CA ASP A 336 -2.16 9.91 27.33
C ASP A 336 -3.48 9.69 28.06
N GLY A 337 -3.49 9.77 29.38
CA GLY A 337 -4.70 9.49 30.13
C GLY A 337 -5.49 10.69 30.58
N GLU A 338 -4.84 11.82 30.82
CA GLU A 338 -5.58 13.03 31.19
C GLU A 338 -6.23 13.63 29.94
N ASN A 339 -7.55 13.82 30.00
CA ASN A 339 -8.29 14.27 28.83
C ASN A 339 -8.19 15.78 28.59
N SER A 340 -7.48 16.51 29.44
CA SER A 340 -7.25 17.94 29.25
C SER A 340 -5.76 18.20 29.31
N ILE A 341 -5.10 18.36 28.15
CA ILE A 341 -3.62 18.46 28.21
C ILE A 341 -3.15 19.86 27.78
N GLU A 342 -4.07 20.78 27.49
CA GLU A 342 -3.61 22.09 26.96
C GLU A 342 -2.74 22.81 27.99
N SER A 343 -3.15 22.79 29.26
CA SER A 343 -2.33 23.44 30.32
C SER A 343 -0.98 22.72 30.43
N THR A 344 -1.00 21.38 30.39
CA THR A 344 0.27 20.62 30.58
C THR A 344 1.23 20.94 29.44
N LEU A 345 0.73 21.01 28.20
CA LEU A 345 1.63 21.22 27.04
C LEU A 345 2.32 22.59 27.16
N ASN A 346 1.56 23.63 27.55
CA ASN A 346 2.18 24.96 27.75
C ASN A 346 3.20 24.88 28.88
N ASP A 347 2.87 24.15 29.95
CA ASP A 347 3.81 23.97 31.08
C ASP A 347 5.04 23.24 30.57
N LEU A 348 4.85 22.24 29.71
CA LEU A 348 5.99 21.50 29.12
C LEU A 348 6.82 22.47 28.26
N GLY A 349 6.16 23.36 27.52
CA GLY A 349 6.88 24.26 26.60
C GLY A 349 6.42 23.96 25.20
N VAL A 350 5.11 24.01 24.97
CA VAL A 350 4.53 23.63 23.68
C VAL A 350 3.64 24.77 23.18
N SER A 351 3.82 25.15 21.93
CA SER A 351 3.04 26.22 21.33
C SER A 351 1.62 25.72 21.05
N THR A 352 0.81 26.59 20.44
CA THR A 352 -0.56 26.22 20.14
C THR A 352 -0.62 25.11 19.09
N ARG A 353 0.04 25.32 17.95
CA ARG A 353 -0.04 24.35 16.87
C ARG A 353 0.61 23.03 17.24
N GLY A 354 1.71 23.08 18.01
CA GLY A 354 2.28 21.85 18.53
C GLY A 354 1.31 21.12 19.44
N ARG A 355 0.59 21.87 20.29
CA ARG A 355 -0.43 21.26 21.12
C ARG A 355 -1.49 20.59 20.27
N GLN A 356 -1.88 21.21 19.15
CA GLN A 356 -2.88 20.61 18.29
C GLN A 356 -2.35 19.36 17.58
N TYR A 357 -1.07 19.34 17.22
CA TYR A 357 -0.51 18.15 16.60
C TYR A 357 -0.44 16.99 17.59
N VAL A 358 -0.05 17.27 18.84
CA VAL A 358 -0.08 16.23 19.86
C VAL A 358 -1.50 15.74 20.08
N GLN A 359 -2.46 16.68 20.16
CA GLN A 359 -3.86 16.33 20.28
C GLN A 359 -4.28 15.41 19.13
N ALA A 360 -3.83 15.70 17.92
CA ALA A 360 -4.21 14.89 16.76
C ALA A 360 -3.62 13.49 16.84
N ALA A 361 -2.38 13.38 17.31
CA ALA A 361 -1.80 12.04 17.49
C ALA A 361 -2.59 11.23 18.49
N LEU A 362 -2.97 11.85 19.61
CA LEU A 362 -3.78 11.16 20.61
C LEU A 362 -5.14 10.76 20.04
N GLU A 363 -5.77 11.67 19.29
CA GLU A 363 -7.05 11.36 18.68
C GLU A 363 -6.94 10.21 17.69
N GLU A 364 -5.81 10.14 16.98
CA GLU A 364 -5.62 9.04 16.03
C GLU A 364 -5.46 7.71 16.77
N GLU A 365 -4.77 7.73 17.91
CA GLU A 365 -4.72 6.51 18.71
C GLU A 365 -6.12 6.09 19.16
N LYS A 366 -6.93 7.07 19.59
CA LYS A 366 -8.29 6.76 20.01
C LYS A 366 -9.12 6.20 18.84
N LYS A 367 -8.91 6.72 17.64
CA LYS A 367 -9.62 6.20 16.48
C LYS A 367 -9.16 4.79 16.13
N ARG A 368 -7.88 4.50 16.33
CA ARG A 368 -7.41 3.12 16.14
C ARG A 368 -8.12 2.16 17.09
N VAL A 369 -8.21 2.54 18.36
CA VAL A 369 -8.89 1.63 19.30
C VAL A 369 -10.38 1.55 18.99
N GLU A 370 -10.97 2.63 18.46
CA GLU A 370 -12.36 2.58 18.02
C GLU A 370 -12.55 1.60 16.87
N ASN A 371 -11.60 1.60 15.93
CA ASN A 371 -11.68 0.65 14.82
C ASN A 371 -11.56 -0.79 15.31
N GLN A 372 -10.68 -1.03 16.28
CA GLN A 372 -10.61 -2.36 16.88
C GLN A 372 -11.94 -2.72 17.52
N LYS A 373 -12.57 -1.77 18.21
CA LYS A 373 -13.88 -2.03 18.80
C LYS A 373 -14.91 -2.42 17.76
N LYS A 374 -14.94 -1.69 16.64
CA LYS A 374 -15.92 -1.99 15.59
C LYS A 374 -15.67 -3.35 14.97
N ILE A 375 -14.41 -3.70 14.70
CA ILE A 375 -14.11 -5.01 14.13
C ILE A 375 -14.52 -6.11 15.10
N ILE A 376 -14.26 -5.90 16.39
CA ILE A 376 -14.64 -6.91 17.38
C ILE A 376 -16.15 -7.07 17.43
N GLN A 377 -16.88 -5.95 17.32
CA GLN A 377 -18.34 -6.01 17.28
C GLN A 377 -18.82 -6.79 16.07
N VAL A 378 -18.18 -6.60 14.92
CA VAL A 378 -18.63 -7.26 13.70
C VAL A 378 -18.35 -8.76 13.76
N ILE A 379 -17.13 -9.14 14.15
CA ILE A 379 -16.75 -10.55 14.09
C ILE A 379 -17.45 -11.40 15.14
N GLU A 380 -18.08 -10.80 16.14
CA GLU A 380 -18.74 -11.57 17.18
C GLU A 380 -20.23 -11.75 16.93
N GLN A 381 -20.78 -11.13 15.88
CA GLN A 381 -22.21 -11.19 15.65
C GLN A 381 -22.64 -12.60 15.26
N GLU A 382 -23.95 -12.83 15.32
CA GLU A 382 -24.49 -14.17 15.15
C GLU A 382 -24.42 -14.63 13.69
N ARG A 383 -24.58 -13.71 12.74
CA ARG A 383 -24.60 -14.12 11.34
C ARG A 383 -23.25 -14.61 10.88
N PHE A 384 -22.18 -13.93 11.26
CA PHE A 384 -20.83 -14.36 10.87
C PHE A 384 -20.50 -15.72 11.48
N LEU A 385 -20.80 -15.89 12.77
CA LEU A 385 -20.52 -17.15 13.43
C LEU A 385 -21.33 -18.29 12.82
N LYS A 386 -22.60 -18.04 12.48
CA LYS A 386 -23.36 -19.12 11.86
C LYS A 386 -22.93 -19.38 10.44
N LYS A 387 -22.41 -18.38 9.72
CA LYS A 387 -21.80 -18.65 8.43
C LYS A 387 -20.61 -19.59 8.59
N LEU A 388 -19.75 -19.32 9.58
CA LEU A 388 -18.64 -20.23 9.83
C LEU A 388 -19.12 -21.62 10.25
N ALA A 389 -20.24 -21.67 10.97
CA ALA A 389 -20.70 -22.95 11.50
C ALA A 389 -21.37 -23.81 10.43
N TRP A 390 -22.20 -23.19 9.58
CA TRP A 390 -22.97 -23.92 8.59
C TRP A 390 -22.09 -24.81 7.71
N ILE A 391 -20.81 -24.46 7.58
CA ILE A 391 -19.92 -25.28 6.78
C ILE A 391 -19.49 -26.52 7.55
N GLU A 392 -19.37 -26.41 8.87
CA GLU A 392 -18.93 -27.54 9.68
C GLU A 392 -20.07 -28.45 10.09
N ASP A 393 -21.22 -27.87 10.42
CA ASP A 393 -22.35 -28.67 10.89
C ASP A 393 -23.16 -29.27 9.75
N GLU A 394 -23.26 -28.58 8.61
CA GLU A 394 -24.16 -28.99 7.55
C GLU A 394 -23.47 -29.40 6.26
N TYR A 395 -22.44 -28.67 5.83
CA TYR A 395 -21.82 -29.00 4.55
C TYR A 395 -20.93 -30.23 4.67
N LYS A 396 -19.92 -30.17 5.52
CA LYS A 396 -18.99 -31.28 5.64
C LYS A 396 -19.63 -32.60 6.07
N PRO A 397 -20.55 -32.65 7.04
CA PRO A 397 -21.16 -33.95 7.37
C PRO A 397 -21.96 -34.55 6.23
N LYS A 398 -22.82 -33.75 5.59
CA LYS A 398 -23.64 -34.29 4.51
C LYS A 398 -22.78 -34.68 3.31
N CYS A 399 -21.65 -34.00 3.11
CA CYS A 399 -20.73 -34.42 2.05
C CYS A 399 -19.90 -35.62 2.46
N GLN A 400 -19.76 -35.89 3.76
CA GLN A 400 -19.17 -37.14 4.20
C GLN A 400 -20.14 -38.30 4.00
N ALA A 401 -21.44 -38.02 4.15
CA ALA A 401 -22.45 -39.05 3.95
C ALA A 401 -22.44 -39.58 2.52
N HIS A 402 -22.18 -38.70 1.55
CA HIS A 402 -22.20 -39.09 0.14
C HIS A 402 -20.93 -39.80 -0.30
N LYS A 403 -20.03 -40.11 0.62
CA LYS A 403 -18.81 -40.88 0.34
C LYS A 403 -17.94 -40.20 -0.71
N ASN A 404 -18.05 -38.88 -0.85
CA ASN A 404 -17.18 -38.11 -1.72
C ASN A 404 -16.38 -37.05 -0.98
N GLY A 405 -17.03 -36.27 -0.11
CA GLY A 405 -16.35 -35.24 0.65
C GLY A 405 -16.77 -33.85 0.18
N TYR A 406 -16.53 -32.86 1.06
CA TYR A 406 -16.98 -31.47 0.74
C TYR A 406 -16.16 -30.87 -0.39
N TYR A 407 -14.84 -31.13 -0.41
CA TYR A 407 -13.97 -30.52 -1.44
C TYR A 407 -14.41 -30.99 -2.82
N ASP A 408 -14.75 -32.28 -2.94
CA ASP A 408 -15.23 -32.82 -4.24
C ASP A 408 -16.65 -32.33 -4.49
N SER A 409 -17.53 -32.43 -3.48
CA SER A 409 -18.89 -31.96 -3.64
C SER A 409 -18.93 -30.51 -4.12
N PHE A 410 -18.01 -29.68 -3.59
CA PHE A 410 -17.90 -28.31 -4.09
C PHE A 410 -17.40 -28.30 -5.53
N LYS A 411 -16.42 -29.15 -5.85
CA LYS A 411 -15.82 -29.15 -7.18
C LYS A 411 -16.84 -29.53 -8.24
N VAL A 412 -17.62 -30.58 -8.00
CA VAL A 412 -18.61 -31.01 -8.99
C VAL A 412 -19.81 -30.06 -8.98
N SER A 413 -20.26 -29.67 -7.79
CA SER A 413 -21.24 -28.60 -7.62
C SER A 413 -22.55 -28.90 -8.35
N ASN A 414 -23.22 -29.95 -7.89
CA ASN A 414 -24.50 -30.36 -8.46
C ASN A 414 -25.69 -30.14 -7.52
N GLU A 415 -25.53 -29.35 -6.46
CA GLU A 415 -26.58 -29.14 -5.50
C GLU A 415 -26.68 -27.67 -5.12
N GLU A 416 -27.85 -27.29 -4.59
CA GLU A 416 -28.02 -25.96 -4.02
C GLU A 416 -27.05 -25.72 -2.87
N ASN A 417 -26.66 -26.79 -2.18
CA ASN A 417 -25.69 -26.67 -1.10
C ASN A 417 -24.39 -26.07 -1.60
N ASP A 418 -23.98 -26.42 -2.82
CA ASP A 418 -22.74 -25.90 -3.37
C ASP A 418 -22.85 -24.40 -3.66
N PHE A 419 -24.00 -23.97 -4.19
CA PHE A 419 -24.21 -22.55 -4.44
C PHE A 419 -24.20 -21.76 -3.13
N LYS A 420 -24.87 -22.29 -2.11
CA LYS A 420 -24.87 -21.60 -0.82
C LYS A 420 -23.47 -21.58 -0.21
N ALA A 421 -22.74 -22.68 -0.34
CA ALA A 421 -21.35 -22.70 0.13
C ALA A 421 -20.53 -21.63 -0.56
N ASN A 422 -20.72 -21.47 -1.87
CA ASN A 422 -19.93 -20.49 -2.60
C ASN A 422 -20.28 -19.07 -2.17
N VAL A 423 -21.55 -18.77 -1.99
CA VAL A 423 -21.90 -17.40 -1.59
C VAL A 423 -21.42 -17.11 -0.17
N LYS A 424 -21.51 -18.10 0.73
CA LYS A 424 -21.01 -17.91 2.08
C LYS A 424 -19.50 -17.71 2.09
N ARG A 425 -18.77 -18.51 1.29
CA ARG A 425 -17.34 -18.34 1.18
C ARG A 425 -16.99 -16.95 0.65
N ALA A 426 -17.75 -16.46 -0.32
CA ALA A 426 -17.51 -15.14 -0.86
C ALA A 426 -17.65 -14.08 0.23
N GLU A 427 -18.73 -14.14 1.01
CA GLU A 427 -18.96 -13.09 2.01
C GLU A 427 -17.95 -13.17 3.15
N LEU A 428 -17.58 -14.38 3.56
CA LEU A 428 -16.55 -14.55 4.57
C LEU A 428 -15.22 -13.96 4.11
N ALA A 429 -14.79 -14.34 2.89
CA ALA A 429 -13.59 -13.75 2.33
C ALA A 429 -13.70 -12.23 2.25
N GLY A 430 -14.91 -11.71 2.02
CA GLY A 430 -15.07 -10.27 1.98
C GLY A 430 -14.77 -9.60 3.30
N VAL A 431 -15.34 -10.13 4.38
CA VAL A 431 -15.11 -9.49 5.68
C VAL A 431 -13.66 -9.68 6.13
N PHE A 432 -13.08 -10.84 5.85
CA PHE A 432 -11.68 -11.04 6.21
C PHE A 432 -10.75 -10.14 5.40
N ASP A 433 -11.09 -9.86 4.14
CA ASP A 433 -10.29 -8.93 3.36
C ASP A 433 -10.47 -7.50 3.87
N GLU A 434 -11.66 -7.16 4.35
CA GLU A 434 -11.85 -5.84 4.96
C GLU A 434 -10.93 -5.66 6.16
N VAL A 435 -10.89 -6.65 7.05
CA VAL A 435 -10.06 -6.49 8.24
C VAL A 435 -8.57 -6.54 7.87
N LEU A 436 -8.25 -7.41 6.91
CA LEU A 436 -6.83 -7.58 6.47
C LEU A 436 -6.28 -6.21 6.06
N GLY A 437 -7.06 -5.47 5.28
CA GLY A 437 -6.59 -4.15 4.79
C GLY A 437 -6.34 -3.20 5.94
N LEU A 438 -7.23 -3.22 6.95
CA LEU A 438 -7.07 -2.30 8.11
C LEU A 438 -5.78 -2.65 8.84
N MET A 439 -5.50 -3.95 9.00
CA MET A 439 -4.22 -4.37 9.64
C MET A 439 -3.04 -3.91 8.77
N LYS A 440 -3.13 -4.14 7.45
CA LYS A 440 -2.08 -3.68 6.52
C LYS A 440 -1.98 -2.16 6.68
N LYS A 441 -3.13 -1.49 6.76
CA LYS A 441 -3.16 -0.02 6.99
C LYS A 441 -2.51 0.23 8.36
N CYS A 442 -2.79 -0.64 9.34
CA CYS A 442 -2.27 -0.47 10.73
C CYS A 442 -3.19 0.49 11.47
N GLN A 443 -4.31 0.86 10.85
CA GLN A 443 -5.32 1.69 11.56
C GLN A 443 -5.76 0.92 12.79
N LEU A 444 -5.07 -0.19 13.09
CA LEU A 444 -5.39 -0.99 14.26
C LEU A 444 -4.27 -0.92 15.28
N PRO A 445 -4.59 -0.96 16.57
CA PRO A 445 -3.54 -1.00 17.58
C PRO A 445 -2.57 -2.16 17.35
N ASP A 446 -1.33 -1.96 17.80
CA ASP A 446 -0.26 -2.91 17.52
C ASP A 446 -0.56 -4.30 18.06
N GLU A 447 -1.34 -4.39 19.13
CA GLU A 447 -1.59 -5.67 19.79
C GLU A 447 -2.50 -6.59 18.98
N PHE A 448 -3.09 -6.09 17.89
CA PHE A 448 -4.12 -6.86 17.19
C PHE A 448 -3.59 -8.20 16.69
N GLU A 449 -2.57 -8.16 15.83
CA GLU A 449 -1.96 -9.45 15.39
C GLU A 449 -1.58 -10.24 16.65
N GLY A 450 -1.20 -9.53 17.71
CA GLY A 450 -0.82 -10.17 18.98
C GLY A 450 -1.95 -10.94 19.64
N ASP A 451 -3.19 -10.43 19.59
CA ASP A 451 -4.28 -11.07 20.37
C ASP A 451 -4.53 -12.51 19.92
N ILE A 452 -4.69 -13.42 20.89
CA ILE A 452 -4.99 -14.85 20.62
C ILE A 452 -6.36 -14.99 19.94
N ASP A 453 -7.35 -14.21 20.38
CA ASP A 453 -8.73 -14.38 19.86
C ASP A 453 -8.74 -14.09 18.36
N TRP A 454 -8.01 -13.04 17.94
CA TRP A 454 -7.90 -12.75 16.48
C TRP A 454 -7.17 -13.91 15.82
N ILE A 455 -6.48 -14.73 16.62
CA ILE A 455 -5.67 -15.80 16.06
C ILE A 455 -6.49 -17.08 15.95
N LYS A 456 -7.24 -17.42 17.00
CA LYS A 456 -8.09 -18.60 16.93
C LYS A 456 -9.14 -18.47 15.85
N LEU A 457 -9.79 -17.30 15.77
CA LEU A 457 -10.80 -17.09 14.74
C LEU A 457 -10.22 -17.27 13.35
N ALA A 458 -9.06 -16.65 13.10
CA ALA A 458 -8.47 -16.72 11.77
C ALA A 458 -8.03 -18.12 11.43
N THR A 459 -7.44 -18.87 12.37
CA THR A 459 -6.99 -20.21 12.02
C THR A 459 -8.16 -21.16 11.82
N ARG A 460 -9.25 -20.98 12.58
CA ARG A 460 -10.44 -21.78 12.33
C ARG A 460 -11.02 -21.48 10.96
N TYR A 461 -11.15 -20.19 10.64
CA TYR A 461 -11.66 -19.79 9.34
C TYR A 461 -10.80 -20.35 8.22
N ARG A 462 -9.48 -20.27 8.36
CA ARG A 462 -8.59 -20.81 7.34
C ARG A 462 -8.81 -22.31 7.16
N ARG A 463 -8.68 -23.07 8.26
CA ARG A 463 -8.80 -24.53 8.18
C ARG A 463 -10.12 -24.94 7.56
N LEU A 464 -11.20 -24.21 7.84
CA LEU A 464 -12.49 -24.57 7.28
C LEU A 464 -12.58 -24.21 5.81
N VAL A 465 -12.24 -22.97 5.45
CA VAL A 465 -12.67 -22.41 4.17
C VAL A 465 -11.61 -22.44 3.08
N GLU A 466 -10.32 -22.50 3.42
CA GLU A 466 -9.30 -22.46 2.37
C GLU A 466 -9.40 -23.63 1.39
N PRO A 467 -9.68 -24.86 1.81
CA PRO A 467 -9.93 -25.91 0.80
C PRO A 467 -11.07 -25.56 -0.15
N LEU A 468 -12.06 -24.81 0.34
CA LEU A 468 -13.16 -24.37 -0.56
C LEU A 468 -12.56 -23.53 -1.69
N ASP A 469 -11.71 -22.57 -1.34
CA ASP A 469 -11.06 -21.71 -2.38
C ASP A 469 -10.19 -22.57 -3.29
N ILE A 470 -9.45 -23.52 -2.72
CA ILE A 470 -8.63 -24.43 -3.57
C ILE A 470 -9.55 -25.08 -4.59
N ALA A 471 -10.75 -25.48 -4.15
CA ALA A 471 -11.70 -26.13 -5.05
C ALA A 471 -12.27 -25.14 -6.06
N ASN A 472 -12.48 -23.89 -5.65
CA ASN A 472 -12.97 -22.88 -6.58
C ASN A 472 -11.90 -22.54 -7.61
N TYR A 473 -10.64 -22.53 -7.19
CA TYR A 473 -9.53 -22.25 -8.10
C TYR A 473 -9.38 -23.36 -9.14
N HIS A 474 -9.37 -24.61 -8.70
CA HIS A 474 -9.17 -25.72 -9.62
C HIS A 474 -10.45 -26.23 -10.25
N ARG A 475 -11.60 -25.65 -9.91
CA ARG A 475 -12.87 -26.10 -10.44
C ARG A 475 -13.20 -25.44 -11.77
N HIS A 476 -12.94 -24.14 -11.88
CA HIS A 476 -13.16 -23.39 -13.10
C HIS A 476 -11.88 -23.18 -13.89
N LEU A 477 -10.93 -24.13 -13.80
CA LEU A 477 -9.71 -24.14 -14.59
C LEU A 477 -8.93 -22.83 -14.47
N LYS A 478 -9.08 -22.14 -13.34
CA LYS A 478 -8.22 -20.98 -13.09
C LYS A 478 -6.76 -21.39 -13.01
N ASN A 479 -6.48 -22.63 -12.62
CA ASN A 479 -5.13 -23.18 -12.68
C ASN A 479 -4.51 -22.98 -14.05
N GLU A 480 -5.24 -23.39 -15.09
CA GLU A 480 -4.77 -23.34 -16.46
C GLU A 480 -4.75 -21.90 -17.00
N ASP A 481 -5.02 -20.91 -16.17
CA ASP A 481 -5.09 -19.52 -16.60
C ASP A 481 -4.00 -18.67 -15.96
N THR A 482 -3.87 -18.72 -14.63
CA THR A 482 -2.92 -17.86 -13.93
C THR A 482 -1.81 -18.60 -13.22
N GLY A 483 -1.69 -19.90 -13.39
CA GLY A 483 -0.59 -20.64 -12.84
C GLY A 483 -0.99 -21.49 -11.66
N PRO A 484 -0.01 -22.16 -11.04
CA PRO A 484 -0.29 -22.93 -9.83
C PRO A 484 -0.88 -22.05 -8.73
N TYR A 485 -1.67 -22.67 -7.86
CA TYR A 485 -2.36 -21.92 -6.83
C TYR A 485 -1.40 -21.28 -5.83
N MET A 486 -0.35 -22.01 -5.45
CA MET A 486 0.52 -21.55 -4.37
C MET A 486 1.25 -20.27 -4.73
N LYS A 487 1.51 -20.04 -6.02
CA LYS A 487 2.32 -18.88 -6.41
C LYS A 487 1.49 -17.61 -6.45
N ARG A 488 0.48 -17.56 -7.30
CA ARG A 488 -0.26 -16.33 -7.54
C ARG A 488 -1.73 -16.40 -7.15
N GLY A 489 -2.28 -17.59 -6.92
CA GLY A 489 -3.69 -17.70 -6.63
C GLY A 489 -4.05 -17.50 -5.17
N ARG A 490 -3.18 -17.97 -4.28
CA ARG A 490 -3.51 -18.00 -2.87
C ARG A 490 -3.76 -16.59 -2.34
N PRO A 491 -4.89 -16.35 -1.68
CA PRO A 491 -5.17 -15.02 -1.15
C PRO A 491 -4.18 -14.62 -0.07
N THR A 492 -4.16 -13.32 0.21
CA THR A 492 -3.26 -12.81 1.24
C THR A 492 -3.74 -13.16 2.64
N ARG A 493 -5.05 -13.05 2.87
CA ARG A 493 -5.64 -13.30 4.19
C ARG A 493 -5.20 -14.65 4.76
N TYR A 494 -5.19 -15.68 3.92
CA TYR A 494 -4.79 -17.00 4.41
C TYR A 494 -3.32 -17.04 4.79
N ILE A 495 -2.48 -16.30 4.08
CA ILE A 495 -1.06 -16.26 4.42
C ILE A 495 -0.85 -15.53 5.73
N TYR A 496 -1.55 -14.40 5.92
CA TYR A 496 -1.51 -13.70 7.20
C TYR A 496 -1.94 -14.61 8.33
N ALA A 497 -3.02 -15.37 8.13
CA ALA A 497 -3.52 -16.24 9.20
C ALA A 497 -2.54 -17.36 9.50
N GLN A 498 -1.98 -17.98 8.47
CA GLN A 498 -1.02 -19.05 8.68
C GLN A 498 0.21 -18.54 9.42
N ARG A 499 0.71 -17.36 9.04
CA ARG A 499 1.90 -16.83 9.71
C ARG A 499 1.59 -16.44 11.15
N GLY A 500 0.44 -15.83 11.40
CA GLY A 500 0.05 -15.51 12.76
C GLY A 500 -0.03 -16.75 13.63
N TYR A 501 -0.66 -17.81 13.12
CA TYR A 501 -0.78 -19.05 13.88
C TYR A 501 0.59 -19.67 14.14
N GLU A 502 1.43 -19.74 13.11
CA GLU A 502 2.76 -20.32 13.28
C GLU A 502 3.56 -19.56 14.32
N HIS A 503 3.57 -18.24 14.20
CA HIS A 503 4.31 -17.41 15.19
C HIS A 503 3.77 -17.70 16.59
N TYR A 504 2.44 -17.73 16.74
CA TYR A 504 1.82 -17.93 18.07
C TYR A 504 2.17 -19.30 18.64
N ILE A 505 2.18 -20.34 17.80
CA ILE A 505 2.40 -21.73 18.32
C ILE A 505 3.90 -22.04 18.46
N LEU A 506 4.77 -21.28 17.80
CA LEU A 506 6.18 -21.60 17.83
C LEU A 506 7.00 -20.67 18.71
N LYS A 507 6.37 -19.92 19.59
CA LYS A 507 7.10 -19.04 20.50
C LYS A 507 6.80 -19.39 21.95
N SER A 542 3.55 -26.76 -0.13
CA SER A 542 3.22 -27.90 0.71
C SER A 542 3.61 -27.67 2.16
N GLU A 543 4.28 -26.54 2.41
CA GLU A 543 4.69 -26.23 3.78
C GLU A 543 3.51 -25.83 4.66
N CYS A 544 2.46 -25.28 4.07
CA CYS A 544 1.27 -24.92 4.82
C CYS A 544 0.38 -26.14 5.05
N GLY A 545 -0.51 -26.03 6.02
CA GLY A 545 -1.39 -27.13 6.36
C GLY A 545 -2.59 -27.22 5.47
N SER A 546 -3.40 -26.16 5.41
CA SER A 546 -4.61 -26.15 4.62
C SER A 546 -4.36 -26.14 3.11
N CYS A 547 -3.10 -26.18 2.67
CA CYS A 547 -2.77 -26.20 1.26
C CYS A 547 -2.54 -27.61 0.74
N PHE A 548 -3.09 -28.62 1.41
CA PHE A 548 -2.94 -30.00 0.95
C PHE A 548 -3.56 -30.21 -0.43
N TRP A 549 -4.79 -29.68 -0.61
CA TRP A 549 -5.47 -29.83 -1.87
C TRP A 549 -4.69 -29.19 -3.01
N ALA A 550 -4.13 -28.00 -2.75
CA ALA A 550 -3.29 -27.34 -3.76
C ALA A 550 -2.21 -28.28 -4.27
N GLU A 551 -1.49 -28.93 -3.35
CA GLU A 551 -0.42 -29.82 -3.74
C GLU A 551 -0.97 -31.01 -4.52
N VAL A 552 -2.00 -31.68 -3.99
CA VAL A 552 -2.48 -32.90 -4.63
C VAL A 552 -3.00 -32.60 -6.02
N GLU A 553 -3.40 -31.36 -6.29
CA GLU A 553 -3.77 -31.00 -7.65
C GLU A 553 -2.60 -31.14 -8.62
N GLU A 554 -1.48 -30.47 -8.34
CA GLU A 554 -0.35 -30.57 -9.25
C GLU A 554 0.24 -31.98 -9.26
N LEU A 555 0.08 -32.74 -8.17
CA LEU A 555 0.68 -34.07 -8.14
C LEU A 555 0.02 -35.01 -9.14
N LYS A 556 -1.30 -35.02 -9.21
CA LYS A 556 -2.00 -35.99 -10.04
C LYS A 556 -1.80 -35.68 -11.51
N GLY A 557 -1.79 -36.74 -12.33
CA GLY A 557 -1.68 -36.61 -13.76
C GLY A 557 -0.27 -36.61 -14.32
N LYS A 558 0.74 -36.79 -13.48
CA LYS A 558 2.12 -36.84 -13.91
C LYS A 558 2.73 -38.20 -13.61
N PRO A 559 3.73 -38.62 -14.40
CA PRO A 559 4.40 -39.89 -14.10
C PRO A 559 5.09 -39.85 -12.75
N TYR A 560 5.15 -41.02 -12.12
CA TYR A 560 5.66 -41.12 -10.75
C TYR A 560 7.15 -40.80 -10.65
N GLU A 561 7.91 -41.04 -11.72
CA GLU A 561 9.36 -40.86 -11.66
C GLU A 561 9.77 -39.41 -11.42
N GLU A 562 8.87 -38.45 -11.63
CA GLU A 562 9.17 -37.05 -11.40
C GLU A 562 8.45 -36.46 -10.19
N VAL A 563 7.38 -37.09 -9.73
CA VAL A 563 6.66 -36.66 -8.53
C VAL A 563 6.98 -37.53 -7.33
N GLU A 564 7.99 -38.39 -7.42
CA GLU A 564 8.38 -39.25 -6.31
C GLU A 564 8.62 -38.45 -5.03
N VAL A 565 9.54 -37.49 -5.10
CA VAL A 565 9.95 -36.78 -3.89
C VAL A 565 8.82 -35.91 -3.35
N ARG A 566 8.01 -35.34 -4.24
CA ARG A 566 6.90 -34.50 -3.79
C ARG A 566 5.84 -35.34 -3.09
N VAL A 567 5.49 -36.49 -3.68
CA VAL A 567 4.54 -37.39 -3.04
C VAL A 567 5.06 -37.84 -1.68
N LYS A 568 6.36 -38.16 -1.60
CA LYS A 568 6.91 -38.62 -0.33
C LYS A 568 6.87 -37.54 0.73
N THR A 569 7.23 -36.30 0.36
CA THR A 569 7.17 -35.21 1.34
C THR A 569 5.73 -34.95 1.78
N LEU A 570 4.79 -35.00 0.84
CA LEU A 570 3.38 -34.79 1.20
C LEU A 570 2.91 -35.84 2.20
N GLU A 571 3.11 -37.12 1.87
CA GLU A 571 2.65 -38.16 2.78
C GLU A 571 3.43 -38.17 4.09
N GLY A 572 4.64 -37.61 4.10
CA GLY A 572 5.34 -37.46 5.37
C GLY A 572 4.69 -36.42 6.26
N MET A 573 4.38 -35.25 5.68
CA MET A 573 3.71 -34.21 6.47
C MET A 573 2.25 -34.54 6.77
N LEU A 574 1.66 -35.40 5.94
CA LEU A 574 0.21 -35.70 6.07
C LEU A 574 -0.13 -36.02 7.53
N GLY A 575 0.67 -36.91 8.15
CA GLY A 575 0.38 -37.30 9.53
C GLY A 575 0.47 -36.11 10.45
N GLU A 576 1.46 -35.23 10.23
CA GLU A 576 1.66 -34.07 11.12
C GLU A 576 0.43 -33.15 11.05
N TRP A 577 -0.11 -32.92 9.86
CA TRP A 577 -1.35 -32.11 9.75
C TRP A 577 -2.49 -32.82 10.46
N ILE A 578 -2.57 -34.14 10.29
CA ILE A 578 -3.62 -34.95 10.96
C ILE A 578 -3.42 -34.87 12.47
N THR A 579 -2.17 -34.89 12.93
CA THR A 579 -1.93 -34.68 14.39
C THR A 579 -2.33 -33.25 14.73
N ASP A 580 -1.93 -32.28 13.91
CA ASP A 580 -2.27 -30.86 14.14
C ASP A 580 -3.78 -30.66 14.06
N GLY A 581 -4.44 -31.33 13.11
CA GLY A 581 -5.90 -31.18 12.93
C GLY A 581 -6.23 -30.60 11.56
N GLU A 582 -5.33 -29.80 10.99
CA GLU A 582 -5.57 -29.16 9.70
C GLU A 582 -6.39 -30.08 8.80
N VAL A 583 -5.79 -31.24 8.46
CA VAL A 583 -6.46 -32.21 7.54
C VAL A 583 -7.24 -33.23 8.37
N ASP A 584 -8.38 -33.70 7.84
CA ASP A 584 -9.19 -34.73 8.55
C ASP A 584 -9.22 -36.00 7.68
N ASP A 585 -8.88 -37.15 8.28
CA ASP A 585 -8.84 -38.42 7.51
C ASP A 585 -10.24 -38.74 6.98
N LYS A 586 -11.26 -38.52 7.81
CA LYS A 586 -12.66 -38.81 7.39
C LYS A 586 -12.85 -38.35 5.95
N GLU A 587 -12.76 -37.05 5.71
CA GLU A 587 -12.96 -36.52 4.36
C GLU A 587 -11.94 -37.07 3.38
N ILE A 588 -10.66 -36.87 3.66
CA ILE A 588 -9.59 -37.12 2.71
C ILE A 588 -9.50 -38.56 2.24
N PHE A 589 -9.99 -39.51 3.04
CA PHE A 589 -9.78 -40.92 2.74
C PHE A 589 -11.03 -41.63 2.24
N LEU A 590 -12.10 -40.90 1.97
CA LEU A 590 -13.29 -41.52 1.41
C LEU A 590 -13.00 -42.11 0.03
N GLU A 591 -13.91 -42.98 -0.42
CA GLU A 591 -13.72 -43.67 -1.69
C GLU A 591 -13.84 -42.68 -2.86
N GLY A 592 -14.84 -41.81 -2.83
CA GLY A 592 -15.06 -40.86 -3.90
C GLY A 592 -14.09 -39.70 -3.93
N SER A 593 -13.32 -39.51 -2.86
CA SER A 593 -12.41 -38.36 -2.79
C SER A 593 -11.34 -38.44 -3.87
N THR A 594 -10.97 -37.28 -4.40
CA THR A 594 -10.02 -37.22 -5.51
C THR A 594 -8.64 -37.75 -5.10
N PHE A 595 -8.19 -37.38 -3.90
CA PHE A 595 -6.86 -37.79 -3.48
C PHE A 595 -6.75 -39.31 -3.38
N ARG A 596 -7.78 -39.98 -2.88
CA ARG A 596 -7.75 -41.43 -2.76
C ARG A 596 -7.76 -42.09 -4.13
N LYS A 597 -8.64 -41.62 -5.02
CA LYS A 597 -8.70 -42.17 -6.37
C LYS A 597 -7.39 -41.96 -7.12
N TRP A 598 -6.65 -40.90 -6.78
CA TRP A 598 -5.34 -40.72 -7.36
C TRP A 598 -4.32 -41.68 -6.75
N TRP A 599 -4.31 -41.78 -5.42
CA TRP A 599 -3.35 -42.64 -4.74
C TRP A 599 -3.50 -44.09 -5.17
N ILE A 600 -4.70 -44.50 -5.58
CA ILE A 600 -4.86 -45.84 -6.14
C ILE A 600 -3.97 -46.02 -7.36
N THR A 601 -3.83 -44.97 -8.18
CA THR A 601 -3.14 -45.10 -9.46
C THR A 601 -1.62 -45.22 -9.32
N LEU A 602 -1.11 -45.00 -8.10
CA LEU A 602 0.36 -45.00 -7.87
C LEU A 602 0.98 -46.38 -8.16
N PRO A 603 2.33 -46.49 -8.18
CA PRO A 603 3.00 -47.77 -8.43
C PRO A 603 2.74 -48.79 -7.32
N LYS A 604 2.58 -50.07 -7.69
CA LYS A 604 2.37 -51.13 -6.68
C LYS A 604 3.44 -51.01 -5.59
N ASN A 605 4.71 -50.84 -5.98
CA ASN A 605 5.75 -50.81 -4.95
C ASN A 605 5.52 -49.67 -3.97
N HIS A 606 5.16 -48.49 -4.46
CA HIS A 606 4.94 -47.34 -3.58
C HIS A 606 3.79 -47.60 -2.62
N LYS A 607 2.62 -47.96 -3.15
CA LYS A 607 1.48 -48.20 -2.29
C LYS A 607 1.73 -49.35 -1.34
N SER A 608 2.51 -50.35 -1.74
CA SER A 608 2.83 -51.46 -0.85
C SER A 608 3.70 -51.01 0.30
N HIS A 609 4.74 -50.22 0.00
CA HIS A 609 5.64 -49.71 1.02
C HIS A 609 5.25 -48.33 1.53
N SER A 610 4.04 -47.87 1.22
CA SER A 610 3.61 -46.56 1.67
C SER A 610 3.36 -46.57 3.18
N PRO A 611 3.62 -45.44 3.85
CA PRO A 611 3.30 -45.37 5.29
C PRO A 611 1.81 -45.49 5.58
N LEU A 612 0.97 -44.85 4.76
CA LEU A 612 -0.47 -44.85 4.94
C LEU A 612 -1.16 -45.96 4.16
N ARG A 613 -0.46 -47.07 3.89
CA ARG A 613 -1.05 -48.18 3.17
C ARG A 613 -2.32 -48.71 3.83
N ASP A 614 -2.34 -48.76 5.16
CA ASP A 614 -3.46 -49.38 5.87
C ASP A 614 -4.77 -48.61 5.69
N TYR A 615 -4.72 -47.36 5.26
CA TYR A 615 -5.94 -46.60 5.02
C TYR A 615 -6.66 -47.11 3.78
N SER B 3 -8.72 21.40 13.38
CA SER B 3 -9.23 20.29 12.57
C SER B 3 -8.12 19.66 11.74
N SER B 4 -8.34 18.43 11.30
CA SER B 4 -7.30 17.67 10.63
C SER B 4 -6.83 18.32 9.34
N SER B 5 -7.74 18.89 8.57
CA SER B 5 -7.37 19.38 7.24
C SER B 5 -6.46 20.59 7.32
N SER B 6 -6.77 21.55 8.19
CA SER B 6 -5.90 22.71 8.34
C SER B 6 -4.52 22.29 8.84
N LEU B 7 -4.48 21.29 9.72
CA LEU B 7 -3.20 20.77 10.20
C LEU B 7 -2.39 20.18 9.05
N LYS B 8 -3.01 19.31 8.24
CA LYS B 8 -2.29 18.75 7.11
C LYS B 8 -1.80 19.84 6.17
N GLY B 9 -2.63 20.85 5.92
CA GLY B 9 -2.23 21.92 5.02
C GLY B 9 -1.03 22.68 5.51
N SER B 10 -1.08 23.17 6.76
CA SER B 10 0.03 23.95 7.30
C SER B 10 1.29 23.10 7.45
N ALA B 11 1.13 21.83 7.83
CA ALA B 11 2.29 20.95 7.97
C ALA B 11 2.95 20.70 6.63
N LEU B 12 2.16 20.41 5.60
CA LEU B 12 2.73 20.21 4.27
C LEU B 12 3.39 21.48 3.75
N GLY B 13 2.81 22.64 4.05
CA GLY B 13 3.44 23.89 3.68
C GLY B 13 4.81 24.05 4.31
N LYS B 14 4.89 23.91 5.63
CA LYS B 14 6.18 24.01 6.31
C LYS B 14 7.15 22.96 5.82
N LEU B 15 6.66 21.77 5.50
CA LEU B 15 7.52 20.70 5.00
C LEU B 15 8.15 21.09 3.67
N VAL B 16 7.32 21.56 2.73
CA VAL B 16 7.86 21.87 1.41
C VAL B 16 8.77 23.10 1.49
N VAL B 17 8.51 24.01 2.43
CA VAL B 17 9.42 25.15 2.59
C VAL B 17 10.76 24.68 3.17
N THR B 18 10.73 23.74 4.11
CA THR B 18 11.95 23.27 4.74
C THR B 18 12.77 22.36 3.83
N SER B 19 12.12 21.67 2.90
CA SER B 19 12.85 20.82 1.96
C SER B 19 13.87 21.62 1.17
N GLY B 20 13.60 22.90 0.92
CA GLY B 20 14.53 23.77 0.24
C GLY B 20 14.35 23.91 -1.25
N LEU B 21 13.40 23.19 -1.85
CA LEU B 21 13.21 23.28 -3.29
C LEU B 21 12.83 24.68 -3.72
N LEU B 22 11.99 25.35 -2.93
CA LEU B 22 11.56 26.70 -3.26
C LEU B 22 12.75 27.63 -3.42
N HIS B 23 13.72 27.56 -2.50
CA HIS B 23 14.82 28.50 -2.53
C HIS B 23 15.75 28.27 -3.71
N SER B 24 16.08 27.00 -3.99
CA SER B 24 16.91 26.72 -5.16
C SER B 24 16.23 27.15 -6.45
N SER B 25 14.92 26.86 -6.56
CA SER B 25 14.21 27.22 -7.80
C SER B 25 14.13 28.73 -7.96
N TRP B 26 13.86 29.45 -6.88
CA TRP B 26 13.80 30.91 -6.98
C TRP B 26 15.18 31.51 -7.21
N SER B 27 16.23 30.86 -6.72
CA SER B 27 17.58 31.31 -7.01
C SER B 27 17.88 31.19 -8.50
N LYS B 28 17.53 30.05 -9.09
CA LYS B 28 17.74 29.88 -10.53
C LYS B 28 16.89 30.86 -11.34
N ILE B 29 15.67 31.13 -10.87
CA ILE B 29 14.82 32.11 -11.55
C ILE B 29 15.44 33.49 -11.47
N LEU B 30 15.99 33.85 -10.31
CA LEU B 30 16.68 35.13 -10.19
C LEU B 30 17.90 35.18 -11.09
N GLU B 31 18.61 34.06 -11.21
CA GLU B 31 19.76 33.98 -12.10
C GLU B 31 19.36 34.31 -13.53
N ILE B 32 18.39 33.57 -14.06
CA ILE B 32 17.96 33.82 -15.44
C ILE B 32 17.27 35.17 -15.58
N HIS B 33 16.79 35.75 -14.48
CA HIS B 33 16.05 37.00 -14.56
C HIS B 33 16.98 38.16 -14.90
N ASN B 34 18.02 38.37 -14.09
CA ASN B 34 18.97 39.45 -14.32
C ASN B 34 20.40 38.97 -14.09
N SER B 53 11.80 39.65 -26.93
CA SER B 53 10.50 39.35 -26.34
C SER B 53 10.05 37.93 -26.69
N GLY B 54 10.79 36.93 -26.19
CA GLY B 54 10.48 35.55 -26.46
C GLY B 54 10.76 34.69 -25.25
N LEU B 55 10.44 33.41 -25.39
CA LEU B 55 10.67 32.46 -24.31
C LEU B 55 12.13 32.02 -24.30
N GLU B 56 12.81 32.25 -23.19
CA GLU B 56 14.18 31.77 -23.01
C GLU B 56 14.23 30.79 -21.84
N PHE B 57 15.01 29.74 -21.99
CA PHE B 57 15.06 28.68 -20.98
C PHE B 57 16.48 28.20 -20.80
N GLN B 58 16.80 27.83 -19.56
CA GLN B 58 18.10 27.28 -19.21
C GLN B 58 17.94 25.94 -18.51
N ILE B 59 19.01 25.17 -18.50
CA ILE B 59 19.05 23.89 -17.81
C ILE B 59 20.15 23.95 -16.74
N HIS B 60 19.93 23.22 -15.65
CA HIS B 60 20.91 23.12 -14.57
C HIS B 60 20.98 21.66 -14.15
N ARG B 61 22.02 20.97 -14.60
CA ARG B 61 22.24 19.57 -14.24
C ARG B 61 23.08 19.52 -12.98
N GLU B 62 22.58 18.85 -11.95
CA GLU B 62 23.25 18.76 -10.67
C GLU B 62 23.46 17.30 -10.30
N GLU B 63 23.94 17.07 -9.09
CA GLU B 63 24.18 15.71 -8.63
C GLU B 63 22.91 15.08 -8.06
N LYS B 64 22.03 15.89 -7.49
CA LYS B 64 20.82 15.38 -6.86
C LYS B 64 19.61 15.37 -7.80
N PHE B 65 19.48 16.37 -8.66
CA PHE B 65 18.36 16.44 -9.57
C PHE B 65 18.77 17.19 -10.83
N THR B 66 17.87 17.20 -11.81
CA THR B 66 17.98 18.03 -13.00
C THR B 66 16.93 19.11 -12.92
N LEU B 67 17.31 20.35 -13.26
CA LEU B 67 16.42 21.48 -13.15
C LEU B 67 16.33 22.17 -14.50
N VAL B 68 15.16 22.74 -14.77
CA VAL B 68 14.91 23.52 -15.99
C VAL B 68 14.20 24.80 -15.58
N VAL B 69 14.55 25.90 -16.23
CA VAL B 69 13.92 27.19 -15.96
C VAL B 69 13.43 27.76 -17.29
N PHE B 70 12.17 28.14 -17.33
CA PHE B 70 11.60 28.88 -18.46
C PHE B 70 11.43 30.34 -18.06
N SER B 71 11.25 31.19 -19.06
CA SER B 71 10.96 32.60 -18.80
C SER B 71 10.36 33.23 -20.04
N ALA B 72 9.39 34.10 -19.83
CA ALA B 72 8.60 34.71 -20.88
C ALA B 72 8.58 36.22 -20.67
N PRO B 73 8.27 36.98 -21.72
CA PRO B 73 8.19 38.45 -21.57
C PRO B 73 7.09 38.83 -20.60
N PRO B 74 7.03 40.10 -20.20
CA PRO B 74 5.98 40.54 -19.27
C PRO B 74 4.58 40.17 -19.77
N ILE B 75 3.69 39.90 -18.83
CA ILE B 75 2.35 39.40 -19.16
C ILE B 75 1.57 40.50 -19.87
N CYS B 76 1.06 40.18 -21.05
CA CYS B 76 0.11 41.05 -21.73
C CYS B 76 -1.23 40.95 -21.01
N ARG B 77 -1.73 42.09 -20.53
CA ARG B 77 -2.86 42.08 -19.59
C ARG B 77 -4.15 41.63 -20.27
N SER B 78 -4.60 42.40 -21.27
CA SER B 78 -5.85 42.05 -21.95
C SER B 78 -5.70 40.80 -22.80
N SER B 79 -4.55 40.66 -23.46
CA SER B 79 -4.27 39.50 -24.31
C SER B 79 -4.19 38.19 -23.55
N SER B 80 -4.36 38.21 -22.22
CA SER B 80 -4.27 36.99 -21.42
C SER B 80 -5.61 36.32 -21.18
N SER B 81 -6.71 36.95 -21.61
CA SER B 81 -8.04 36.38 -21.34
C SER B 81 -8.43 35.35 -22.40
N ASP B 82 -7.99 35.54 -23.63
CA ASP B 82 -8.44 34.69 -24.74
C ASP B 82 -7.98 33.26 -24.55
N SER B 83 -8.68 32.34 -25.20
CA SER B 83 -8.37 30.92 -25.14
C SER B 83 -8.40 30.32 -26.54
N THR B 84 -7.80 29.14 -26.67
CA THR B 84 -7.75 28.41 -27.93
C THR B 84 -8.26 27.00 -27.71
N LEU B 85 -9.40 26.67 -28.32
CA LEU B 85 -10.00 25.37 -28.13
C LEU B 85 -9.16 24.28 -28.80
N LEU B 86 -9.21 23.08 -28.22
CA LEU B 86 -8.55 21.90 -28.77
C LEU B 86 -9.57 20.78 -28.90
N HIS B 87 -9.18 19.73 -29.62
CA HIS B 87 -10.04 18.59 -29.83
C HIS B 87 -9.21 17.31 -29.91
N VAL B 88 -9.87 16.18 -29.64
CA VAL B 88 -9.18 14.89 -29.67
C VAL B 88 -8.82 14.50 -31.09
N LYS B 89 -9.74 14.70 -32.03
CA LYS B 89 -9.47 14.31 -33.41
C LYS B 89 -8.53 15.30 -34.09
N ASP B 90 -8.48 16.53 -33.62
CA ASP B 90 -7.56 17.51 -34.17
C ASP B 90 -6.12 17.06 -33.96
N LYS B 91 -5.29 17.26 -34.98
CA LYS B 91 -3.88 16.91 -34.90
C LYS B 91 -2.98 18.11 -34.68
N GLU B 92 -3.56 19.31 -34.53
CA GLU B 92 -2.81 20.46 -34.07
C GLU B 92 -2.66 20.46 -32.54
N ASN B 93 -3.41 19.62 -31.85
CA ASN B 93 -3.32 19.52 -30.40
C ASN B 93 -2.15 18.62 -30.02
N PRO B 94 -1.19 19.11 -29.23
CA PRO B 94 -0.05 18.27 -28.86
C PRO B 94 -0.36 17.22 -27.81
N PHE B 95 -1.53 17.28 -27.17
CA PHE B 95 -1.91 16.37 -26.09
C PHE B 95 -3.13 15.57 -26.52
N PRO B 96 -2.94 14.47 -27.25
CA PRO B 96 -4.07 13.62 -27.62
C PRO B 96 -4.40 12.61 -26.54
N PHE B 97 -3.46 12.34 -25.66
CA PHE B 97 -3.60 11.22 -24.73
C PHE B 97 -4.41 11.58 -23.49
N LEU B 98 -4.37 12.84 -23.04
CA LEU B 98 -5.07 13.18 -21.81
C LEU B 98 -6.58 13.27 -22.03
N CYS B 99 -7.00 13.77 -23.18
CA CYS B 99 -8.43 13.85 -23.47
C CYS B 99 -9.01 12.46 -23.66
N SER B 100 -10.28 12.30 -23.29
CA SER B 100 -10.91 10.99 -23.23
C SER B 100 -12.35 11.13 -23.72
N GLU B 101 -13.16 10.11 -23.44
CA GLU B 101 -14.53 10.07 -23.92
C GLU B 101 -15.34 11.24 -23.37
N ASN B 102 -15.48 11.30 -22.05
CA ASN B 102 -16.29 12.36 -21.43
C ASN B 102 -15.68 13.74 -21.62
N ASN B 103 -14.41 13.83 -21.98
CA ASN B 103 -13.74 15.10 -22.20
C ASN B 103 -12.86 14.99 -23.44
N PRO B 104 -13.43 15.14 -24.63
CA PRO B 104 -12.62 15.10 -25.84
C PRO B 104 -12.02 16.46 -26.18
N SER B 105 -12.62 17.51 -25.64
CA SER B 105 -12.22 18.88 -25.94
C SER B 105 -11.87 19.62 -24.65
N PHE B 106 -10.85 20.46 -24.72
CA PHE B 106 -10.44 21.28 -23.58
C PHE B 106 -9.69 22.48 -24.12
N SER B 107 -10.09 23.67 -23.69
CA SER B 107 -9.43 24.89 -24.15
C SER B 107 -8.24 25.21 -23.25
N LEU B 108 -7.39 26.11 -23.74
CA LEU B 108 -6.16 26.47 -23.04
C LEU B 108 -5.91 27.96 -23.19
N HIS B 109 -4.96 28.46 -22.40
CA HIS B 109 -4.58 29.86 -22.47
C HIS B 109 -3.86 30.12 -23.79
N THR B 110 -4.17 31.26 -24.42
CA THR B 110 -3.68 31.51 -25.77
C THR B 110 -2.20 31.86 -25.81
N PRO B 111 -1.71 32.89 -25.08
CA PRO B 111 -0.27 33.16 -25.14
C PRO B 111 0.59 32.03 -24.64
N ALA B 112 0.15 31.32 -23.59
CA ALA B 112 0.92 30.20 -23.06
C ALA B 112 1.09 29.11 -24.12
N PHE B 113 -0.03 28.68 -24.72
CA PHE B 113 0.04 27.64 -25.72
C PHE B 113 0.83 28.09 -26.95
N ASN B 114 0.66 29.36 -27.33
CA ASN B 114 1.42 29.90 -28.45
C ASN B 114 2.91 29.82 -28.20
N LEU B 115 3.36 30.28 -27.03
CA LEU B 115 4.79 30.24 -26.72
C LEU B 115 5.29 28.81 -26.55
N PHE B 116 4.42 27.89 -26.13
CA PHE B 116 4.83 26.50 -26.04
C PHE B 116 5.07 25.91 -27.42
N THR B 117 4.11 26.10 -28.33
CA THR B 117 4.27 25.59 -29.69
C THR B 117 5.46 26.24 -30.38
N SER B 118 5.65 27.56 -30.18
CA SER B 118 6.75 28.26 -30.81
C SER B 118 8.09 27.62 -30.51
N ALA B 119 8.27 27.12 -29.29
CA ALA B 119 9.55 26.61 -28.83
C ALA B 119 9.59 25.08 -28.78
N SER B 120 8.51 24.40 -29.17
CA SER B 120 8.48 22.94 -29.17
C SER B 120 9.71 22.30 -29.84
N THR B 121 10.38 23.02 -30.74
CA THR B 121 11.44 22.44 -31.56
C THR B 121 12.56 21.81 -30.75
N SER B 122 13.29 22.62 -29.97
CA SER B 122 14.42 22.08 -29.22
C SER B 122 13.99 21.34 -27.97
N LEU B 123 12.86 21.76 -27.37
CA LEU B 123 12.40 21.04 -26.20
C LEU B 123 11.90 19.65 -26.56
N THR B 124 11.74 19.32 -27.84
CA THR B 124 11.54 17.92 -28.22
C THR B 124 12.73 17.05 -27.84
N TYR B 125 13.94 17.43 -28.28
CA TYR B 125 15.13 16.72 -27.86
C TYR B 125 15.31 16.82 -26.35
N LEU B 126 14.99 17.97 -25.78
CA LEU B 126 15.03 18.10 -24.33
C LEU B 126 14.12 17.09 -23.65
N LYS B 127 12.96 16.83 -24.24
CA LYS B 127 12.02 15.86 -23.69
C LYS B 127 12.58 14.45 -23.77
N SER B 128 13.20 14.11 -24.90
CA SER B 128 13.86 12.82 -25.00
C SER B 128 14.91 12.65 -23.90
N GLU B 129 15.73 13.69 -23.70
CA GLU B 129 16.78 13.61 -22.70
C GLU B 129 16.21 13.50 -21.29
N LEU B 130 15.17 14.27 -20.99
CA LEU B 130 14.58 14.25 -19.66
C LEU B 130 13.87 12.93 -19.39
N LEU B 131 13.26 12.35 -20.42
CA LEU B 131 12.67 11.02 -20.28
C LEU B 131 13.74 9.98 -19.96
N GLN B 132 14.88 10.06 -20.66
CA GLN B 132 16.00 9.19 -20.31
C GLN B 132 16.45 9.40 -18.87
N THR B 133 16.54 10.67 -18.46
CA THR B 133 16.95 10.99 -17.09
C THR B 133 16.01 10.36 -16.07
N LEU B 134 14.71 10.53 -16.26
CA LEU B 134 13.73 9.91 -15.37
C LEU B 134 13.83 8.39 -15.41
N LYS B 135 14.13 7.82 -16.57
CA LYS B 135 14.38 6.38 -16.64
C LYS B 135 15.58 5.99 -15.81
N SER B 136 16.55 6.89 -15.65
CA SER B 136 17.72 6.66 -14.83
C SER B 136 17.44 6.84 -13.34
N GLU B 137 16.17 7.00 -12.96
CA GLU B 137 15.76 7.14 -11.56
C GLU B 137 16.35 8.38 -10.90
N LYS B 138 16.63 9.42 -11.68
CA LYS B 138 17.08 10.67 -11.09
C LYS B 138 15.94 11.69 -11.11
N PRO B 139 15.72 12.43 -10.04
CA PRO B 139 14.61 13.39 -10.03
C PRO B 139 14.78 14.48 -11.08
N VAL B 140 13.66 15.05 -11.49
CA VAL B 140 13.63 16.12 -12.49
C VAL B 140 12.70 17.22 -11.99
N ILE B 141 13.12 18.47 -12.16
CA ILE B 141 12.35 19.63 -11.75
C ILE B 141 12.21 20.57 -12.93
N ILE B 142 11.01 21.10 -13.13
CA ILE B 142 10.79 22.23 -14.02
C ILE B 142 10.23 23.36 -13.18
N THR B 143 10.59 24.59 -13.54
CA THR B 143 10.24 25.74 -12.72
C THR B 143 9.94 26.90 -13.65
N GLY B 144 9.24 27.89 -13.12
CA GLY B 144 8.87 29.01 -13.98
C GLY B 144 8.61 30.27 -13.18
N ALA B 145 8.76 31.39 -13.88
CA ALA B 145 8.55 32.72 -13.36
C ALA B 145 7.10 33.14 -13.62
N ALA B 146 6.81 34.43 -13.50
CA ALA B 146 5.47 34.99 -13.63
C ALA B 146 4.68 34.40 -14.79
N LEU B 147 5.19 34.53 -16.02
CA LEU B 147 4.47 33.96 -17.15
C LEU B 147 5.06 32.66 -17.65
N GLY B 148 6.38 32.49 -17.56
CA GLY B 148 7.02 31.26 -17.97
C GLY B 148 6.59 30.06 -17.15
N GLY B 149 5.99 30.28 -15.99
CA GLY B 149 5.49 29.16 -15.21
C GLY B 149 4.38 28.41 -15.93
N SER B 150 3.53 29.14 -16.66
CA SER B 150 2.51 28.49 -17.47
C SER B 150 3.14 27.59 -18.53
N VAL B 151 4.19 28.08 -19.19
CA VAL B 151 4.86 27.27 -20.20
C VAL B 151 5.52 26.05 -19.57
N ALA B 152 6.06 26.23 -18.36
CA ALA B 152 6.65 25.09 -17.65
C ALA B 152 5.59 24.06 -17.31
N SER B 153 4.40 24.50 -16.91
CA SER B 153 3.31 23.58 -16.63
C SER B 153 2.91 22.81 -17.88
N LEU B 154 2.77 23.53 -19.00
CA LEU B 154 2.43 22.87 -20.26
C LEU B 154 3.49 21.83 -20.64
N TYR B 155 4.77 22.17 -20.45
CA TYR B 155 5.83 21.24 -20.78
C TYR B 155 5.81 20.02 -19.87
N THR B 156 5.55 20.23 -18.57
CA THR B 156 5.42 19.10 -17.66
C THR B 156 4.28 18.18 -18.08
N LEU B 157 3.15 18.78 -18.46
CA LEU B 157 2.02 17.98 -18.89
C LEU B 157 2.36 17.17 -20.14
N TRP B 158 3.01 17.80 -21.11
CA TRP B 158 3.48 17.06 -22.28
C TRP B 158 4.47 15.97 -21.90
N LEU B 159 5.24 16.17 -20.84
CA LEU B 159 6.16 15.15 -20.36
C LEU B 159 5.45 13.98 -19.69
N LEU B 160 4.24 14.20 -19.17
CA LEU B 160 3.54 13.20 -18.38
C LEU B 160 2.54 12.38 -19.21
N GLU B 161 2.84 12.12 -20.48
CA GLU B 161 1.91 11.37 -21.31
C GLU B 161 1.98 9.86 -21.09
N THR B 162 2.94 9.44 -20.26
CA THR B 162 3.05 7.99 -19.89
C THR B 162 3.29 7.98 -18.38
N ILE B 163 2.23 7.82 -17.59
CA ILE B 163 2.41 7.94 -16.12
C ILE B 163 2.20 6.58 -15.43
N GLU B 164 3.17 6.16 -14.62
CA GLU B 164 3.01 4.93 -13.83
C GLU B 164 3.51 5.26 -12.41
N PRO B 165 2.95 4.66 -11.35
CA PRO B 165 3.37 5.02 -10.01
C PRO B 165 4.85 4.66 -9.86
N THR B 166 5.25 3.51 -10.40
CA THR B 166 6.67 3.08 -10.31
C THR B 166 7.61 4.05 -11.04
N LEU B 167 7.22 4.53 -12.23
CA LEU B 167 8.14 5.39 -13.02
C LEU B 167 8.30 6.76 -12.34
N LYS B 168 9.49 7.36 -12.44
CA LYS B 168 9.72 8.72 -11.88
C LYS B 168 9.02 9.75 -12.77
N ARG B 169 8.25 10.66 -12.17
CA ARG B 169 7.57 11.69 -12.94
C ARG B 169 8.12 13.06 -12.54
N PRO B 170 8.07 14.03 -13.45
CA PRO B 170 8.63 15.35 -13.13
C PRO B 170 7.82 16.11 -12.09
N LEU B 171 8.24 17.34 -11.80
CA LEU B 171 7.53 18.21 -10.88
C LEU B 171 7.68 19.64 -11.34
N CYS B 172 6.57 20.34 -11.51
CA CYS B 172 6.56 21.74 -11.90
C CYS B 172 6.39 22.62 -10.67
N ILE B 173 7.10 23.74 -10.66
CA ILE B 173 7.02 24.70 -9.57
C ILE B 173 6.92 26.10 -10.17
N THR B 174 5.90 26.84 -9.75
CA THR B 174 5.53 28.08 -10.40
C THR B 174 5.36 29.19 -9.37
N PHE B 175 5.60 30.43 -9.80
CA PHE B 175 5.53 31.59 -8.92
C PHE B 175 4.74 32.69 -9.62
N GLY B 176 3.54 32.97 -9.13
CA GLY B 176 2.80 34.13 -9.57
C GLY B 176 2.17 34.03 -10.95
N SER B 177 1.94 32.83 -11.46
CA SER B 177 1.39 32.72 -12.81
C SER B 177 -0.13 32.75 -12.79
N PRO B 178 -0.76 33.39 -13.77
CA PRO B 178 -2.22 33.31 -13.89
C PRO B 178 -2.66 31.93 -14.36
N LEU B 179 -3.96 31.75 -14.55
CA LEU B 179 -4.48 30.44 -14.89
C LEU B 179 -4.25 30.12 -16.37
N ILE B 180 -4.27 28.83 -16.68
CA ILE B 180 -3.97 28.36 -18.03
C ILE B 180 -5.10 27.51 -18.59
N GLY B 181 -5.92 26.94 -17.71
CA GLY B 181 -6.95 26.01 -18.16
C GLY B 181 -8.36 26.38 -17.77
N ASP B 182 -9.34 25.79 -18.45
CA ASP B 182 -10.74 26.01 -18.17
C ASP B 182 -11.28 24.86 -17.34
N ALA B 183 -12.61 24.83 -17.16
CA ALA B 183 -13.23 23.79 -16.34
C ALA B 183 -12.97 22.39 -16.91
N SER B 184 -12.84 22.29 -18.23
CA SER B 184 -12.67 20.97 -18.83
C SER B 184 -11.30 20.38 -18.54
N LEU B 185 -10.24 21.18 -18.68
CA LEU B 185 -8.91 20.69 -18.34
C LEU B 185 -8.82 20.39 -16.85
N GLN B 186 -9.38 21.26 -16.02
CA GLN B 186 -9.46 20.99 -14.59
C GLN B 186 -10.20 19.67 -14.31
N GLN B 187 -11.19 19.34 -15.13
CA GLN B 187 -11.94 18.11 -14.92
C GLN B 187 -11.15 16.90 -15.37
N ILE B 188 -10.32 17.07 -16.40
CA ILE B 188 -9.50 15.96 -16.88
C ILE B 188 -8.48 15.55 -15.83
N LEU B 189 -7.95 16.52 -15.09
CA LEU B 189 -6.89 16.27 -14.11
C LEU B 189 -7.34 16.52 -12.68
N GLU B 190 -8.65 16.43 -12.40
CA GLU B 190 -9.14 16.79 -11.08
C GLU B 190 -8.57 15.87 -10.01
N ASN B 191 -8.53 14.57 -10.28
CA ASN B 191 -8.00 13.59 -9.33
C ASN B 191 -6.95 12.69 -9.94
N SER B 192 -6.51 12.97 -11.16
CA SER B 192 -5.54 12.10 -11.83
C SER B 192 -4.20 12.15 -11.12
N VAL B 193 -3.32 11.22 -11.51
CA VAL B 193 -1.97 11.18 -10.96
C VAL B 193 -1.11 12.32 -11.46
N ARG B 194 -1.59 13.07 -12.45
CA ARG B 194 -0.80 14.18 -12.99
C ARG B 194 -0.99 15.45 -12.20
N ASN B 195 -2.15 15.62 -11.56
CA ASN B 195 -2.34 16.74 -10.65
C ASN B 195 -1.37 16.68 -9.47
N SER B 196 -0.77 15.52 -9.23
CA SER B 196 0.25 15.33 -8.20
C SER B 196 1.64 15.72 -8.67
N CYS B 197 1.75 16.50 -9.74
CA CYS B 197 3.04 16.88 -10.30
C CYS B 197 3.13 18.39 -10.53
N PHE B 198 2.30 19.17 -9.86
CA PHE B 198 2.28 20.61 -10.03
C PHE B 198 2.29 21.27 -8.65
N LEU B 199 2.99 22.39 -8.54
CA LEU B 199 2.99 23.17 -7.31
C LEU B 199 3.10 24.64 -7.66
N HIS B 200 2.05 25.40 -7.34
CA HIS B 200 2.01 26.82 -7.60
C HIS B 200 2.20 27.56 -6.28
N VAL B 201 2.81 28.74 -6.35
CA VAL B 201 3.05 29.57 -5.18
C VAL B 201 2.44 30.94 -5.49
N VAL B 202 1.34 31.26 -4.81
CA VAL B 202 0.60 32.49 -5.06
C VAL B 202 0.56 33.29 -3.77
N SER B 203 0.90 34.58 -3.87
CA SER B 203 0.74 35.47 -2.73
C SER B 203 -0.74 35.66 -2.43
N ALA B 204 -1.09 35.61 -1.14
CA ALA B 204 -2.49 35.66 -0.73
C ALA B 204 -3.17 36.97 -1.11
N GLN B 205 -2.42 37.96 -1.60
CA GLN B 205 -3.02 39.20 -2.09
C GLN B 205 -3.32 39.17 -3.59
N THR B 206 -2.79 38.18 -4.31
CA THR B 206 -3.08 38.05 -5.72
C THR B 206 -4.52 37.60 -5.93
N ARG B 207 -5.25 38.34 -6.76
CA ARG B 207 -6.65 38.05 -7.05
C ARG B 207 -6.81 37.73 -8.53
N ILE B 208 -7.40 36.58 -8.83
CA ILE B 208 -7.56 36.09 -10.19
C ILE B 208 -9.04 35.92 -10.45
N LYS B 209 -9.57 36.67 -11.41
CA LYS B 209 -10.96 36.52 -11.82
C LYS B 209 -11.11 35.19 -12.54
N MET B 210 -11.69 34.21 -11.85
CA MET B 210 -11.78 32.84 -12.35
C MET B 210 -13.13 32.54 -12.97
N ASP B 211 -13.74 33.52 -13.64
CA ASP B 211 -15.04 33.28 -14.26
C ASP B 211 -14.94 32.25 -15.39
N PHE B 212 -13.91 32.34 -16.22
CA PHE B 212 -13.72 31.42 -17.33
C PHE B 212 -12.59 30.42 -17.11
N PHE B 213 -11.46 30.85 -16.57
CA PHE B 213 -10.31 29.99 -16.37
C PHE B 213 -10.34 29.38 -14.98
N LYS B 214 -9.94 28.11 -14.90
CA LYS B 214 -10.01 27.37 -13.65
C LYS B 214 -8.64 26.80 -13.28
N PRO B 215 -8.29 26.83 -12.01
CA PRO B 215 -6.96 26.35 -11.60
C PRO B 215 -6.92 24.84 -11.42
N PHE B 216 -5.69 24.32 -11.32
CA PHE B 216 -5.47 22.90 -11.10
C PHE B 216 -4.13 22.73 -10.40
N GLY B 217 -3.85 21.51 -9.96
CA GLY B 217 -2.63 21.22 -9.26
C GLY B 217 -2.60 21.80 -7.85
N THR B 218 -1.67 21.28 -7.06
CA THR B 218 -1.53 21.72 -5.67
C THR B 218 -1.06 23.15 -5.60
N PHE B 219 -1.65 23.93 -4.70
CA PHE B 219 -1.33 25.34 -4.54
C PHE B 219 -0.63 25.58 -3.22
N LEU B 220 0.14 26.67 -3.16
CA LEU B 220 0.82 27.12 -1.95
C LEU B 220 0.57 28.61 -1.79
N ILE B 221 -0.37 28.96 -0.92
CA ILE B 221 -0.72 30.36 -0.69
C ILE B 221 0.18 30.91 0.41
N CYS B 222 0.85 32.01 0.13
CA CYS B 222 1.84 32.58 1.03
C CYS B 222 1.28 33.83 1.68
N PHE B 223 1.07 33.77 2.99
CA PHE B 223 0.72 34.93 3.80
C PHE B 223 1.99 35.56 4.34
N ASP B 224 1.83 36.46 5.31
CA ASP B 224 3.04 37.01 5.99
C ASP B 224 3.25 36.12 7.22
N SER B 225 2.16 35.68 7.85
CA SER B 225 2.26 34.76 9.01
C SER B 225 2.88 33.43 8.57
N GLY B 226 2.52 32.94 7.38
CA GLY B 226 3.10 31.67 6.87
C GLY B 226 2.41 31.20 5.60
N CYS B 227 2.80 30.03 5.09
CA CYS B 227 2.20 29.49 3.89
C CYS B 227 1.24 28.37 4.24
N VAL B 228 0.32 28.10 3.32
CA VAL B 228 -0.67 27.03 3.47
C VAL B 228 -0.78 26.29 2.14
N CYS B 229 -0.80 24.96 2.21
CA CYS B 229 -0.74 24.11 1.02
C CYS B 229 -2.12 23.52 0.77
N ILE B 230 -2.77 23.97 -0.30
CA ILE B 230 -4.13 23.58 -0.63
C ILE B 230 -4.09 22.59 -1.78
N GLU B 231 -5.06 21.67 -1.81
CA GLU B 231 -5.23 20.76 -2.92
C GLU B 231 -6.59 20.84 -3.59
N ASP B 232 -7.64 21.13 -2.83
CA ASP B 232 -8.98 21.24 -3.38
C ASP B 232 -9.11 22.54 -4.17
N HIS B 233 -9.57 22.43 -5.42
CA HIS B 233 -9.63 23.61 -6.26
C HIS B 233 -10.77 24.55 -5.89
N VAL B 234 -11.82 24.05 -5.25
CA VAL B 234 -12.90 24.91 -4.79
C VAL B 234 -12.38 25.89 -3.75
N ALA B 235 -11.62 25.38 -2.78
CA ALA B 235 -11.01 26.25 -1.77
C ALA B 235 -10.10 27.28 -2.41
N VAL B 236 -9.29 26.86 -3.37
CA VAL B 236 -8.44 27.80 -4.10
C VAL B 236 -9.28 28.88 -4.76
N THR B 237 -10.44 28.49 -5.31
CA THR B 237 -11.33 29.45 -5.91
C THR B 237 -11.77 30.49 -4.88
N GLU B 238 -12.38 30.05 -3.79
CA GLU B 238 -12.88 31.01 -2.81
C GLU B 238 -11.76 31.85 -2.21
N LEU B 239 -10.55 31.32 -2.16
CA LEU B 239 -9.45 32.09 -1.58
C LEU B 239 -8.92 33.13 -2.54
N LEU B 240 -8.72 32.76 -3.81
CA LEU B 240 -8.06 33.65 -4.77
C LEU B 240 -9.03 34.40 -5.68
N ASN B 241 -10.33 34.11 -5.61
CA ASN B 241 -11.28 34.80 -6.47
C ASN B 241 -11.32 36.30 -6.16
N GLY B 242 -11.78 37.07 -7.14
CA GLY B 242 -11.88 38.51 -6.99
C GLY B 242 -12.47 39.20 -8.20
N VAL B 249 4.40 41.73 -7.48
CA VAL B 249 4.75 41.36 -6.12
C VAL B 249 6.04 40.55 -6.09
N ASP B 250 7.07 41.12 -5.46
CA ASP B 250 8.38 40.48 -5.39
C ASP B 250 8.29 39.23 -4.53
N TYR B 251 8.39 38.06 -5.15
CA TYR B 251 8.28 36.82 -4.40
C TYR B 251 9.51 36.51 -3.57
N SER B 252 10.64 37.19 -3.81
CA SER B 252 11.75 37.10 -2.89
C SER B 252 11.36 37.61 -1.52
N GLN B 253 10.59 38.69 -1.47
CA GLN B 253 10.14 39.22 -0.19
C GLN B 253 9.28 38.21 0.57
N VAL B 254 8.34 37.57 -0.12
CA VAL B 254 7.47 36.64 0.59
C VAL B 254 8.22 35.34 0.92
N LEU B 255 9.26 34.99 0.15
CA LEU B 255 10.08 33.86 0.55
C LEU B 255 10.87 34.18 1.82
N ASN B 256 11.42 35.39 1.89
CA ASN B 256 12.09 35.81 3.12
C ASN B 256 11.13 35.85 4.29
N ARG B 257 9.89 36.28 4.05
CA ARG B 257 8.90 36.29 5.13
C ARG B 257 8.51 34.88 5.53
N LEU B 258 8.50 33.94 4.60
CA LEU B 258 8.32 32.53 4.96
C LEU B 258 9.45 32.06 5.87
N ASP B 259 10.69 32.36 5.50
CA ASP B 259 11.82 31.96 6.33
C ASP B 259 11.75 32.59 7.71
N GLN B 260 11.29 33.83 7.78
CA GLN B 260 11.14 34.49 9.08
C GLN B 260 10.04 33.83 9.91
N SER B 261 8.88 33.58 9.29
CA SER B 261 7.78 32.90 9.99
C SER B 261 8.16 31.50 10.43
N MET B 262 9.14 30.88 9.76
CA MET B 262 9.70 29.63 10.26
C MET B 262 10.29 29.79 11.66
N LEU B 263 10.66 31.02 12.03
CA LEU B 263 11.24 31.31 13.34
C LEU B 263 10.38 32.32 14.10
N SER B 264 9.07 32.31 13.82
CA SER B 264 8.11 33.17 14.57
C SER B 264 7.34 32.26 15.53
N LEU B 265 7.21 32.63 16.80
CA LEU B 265 6.58 31.71 17.80
C LEU B 265 5.11 31.41 17.49
N ALA B 266 4.32 32.40 17.06
CA ALA B 266 2.87 32.14 16.92
C ALA B 266 2.34 32.34 15.49
N ASP B 267 1.58 31.37 14.97
CA ASP B 267 0.91 31.52 13.65
C ASP B 267 -0.60 31.36 13.89
N SER B 268 -1.43 32.28 13.38
CA SER B 268 -2.89 32.23 13.68
C SER B 268 -3.66 31.59 12.52
N ARG B 269 -4.98 31.43 12.67
CA ARG B 269 -5.78 30.88 11.59
C ARG B 269 -5.73 31.85 10.41
N LEU B 270 -5.03 31.45 9.35
CA LEU B 270 -4.88 32.33 8.20
C LEU B 270 -6.15 32.34 7.34
N ILE B 271 -6.55 31.18 6.84
CA ILE B 271 -7.71 31.08 5.96
C ILE B 271 -8.95 30.85 6.81
N PRO B 272 -10.11 31.35 6.39
CA PRO B 272 -11.33 31.19 7.21
C PRO B 272 -11.69 29.72 7.44
N GLU B 273 -12.53 29.51 8.43
CA GLU B 273 -12.85 28.16 8.89
C GLU B 273 -13.86 27.46 7.99
N ASP B 274 -14.72 28.21 7.31
CA ASP B 274 -15.69 27.59 6.40
C ASP B 274 -14.98 26.91 5.23
N VAL B 275 -13.85 27.49 4.79
CA VAL B 275 -13.05 26.83 3.76
C VAL B 275 -12.52 25.50 4.26
N ILE B 276 -12.08 25.46 5.53
CA ILE B 276 -11.66 24.21 6.14
C ILE B 276 -12.81 23.21 6.17
N LYS B 277 -14.00 23.71 6.51
CA LYS B 277 -15.20 22.88 6.50
C LYS B 277 -15.38 22.22 5.13
N GLY B 278 -15.31 23.02 4.07
CA GLY B 278 -15.49 22.50 2.74
C GLY B 278 -14.43 21.47 2.37
N ILE B 279 -13.16 21.78 2.67
CA ILE B 279 -12.08 20.85 2.33
C ILE B 279 -12.26 19.53 3.06
N GLU B 280 -12.59 19.59 4.36
CA GLU B 280 -12.79 18.37 5.14
C GLU B 280 -13.95 17.55 4.60
N LYS B 281 -15.08 18.22 4.30
CA LYS B 281 -16.23 17.52 3.76
C LYS B 281 -15.89 16.81 2.46
N ARG B 282 -15.23 17.51 1.54
CA ARG B 282 -14.91 16.92 0.25
C ARG B 282 -13.92 15.77 0.39
N ALA B 283 -12.93 15.92 1.28
CA ALA B 283 -11.96 14.85 1.48
C ALA B 283 -12.62 13.59 2.04
N GLU B 284 -13.49 13.76 3.03
CA GLU B 284 -14.20 12.61 3.59
C GLU B 284 -15.06 11.94 2.54
N MET B 285 -15.80 12.73 1.75
CA MET B 285 -16.59 12.17 0.67
C MET B 285 -15.72 11.36 -0.28
N LYS B 286 -14.55 11.88 -0.63
CA LYS B 286 -13.67 11.18 -1.56
C LYS B 286 -13.19 9.85 -0.97
N ASN B 287 -12.78 9.85 0.30
CA ASN B 287 -12.27 8.61 0.88
C ASN B 287 -13.35 7.54 0.99
N LEU B 288 -14.56 7.94 1.39
CA LEU B 288 -15.63 6.95 1.48
C LEU B 288 -16.03 6.46 0.09
N ARG B 289 -16.08 7.35 -0.90
CA ARG B 289 -16.34 6.93 -2.27
C ARG B 289 -15.29 5.93 -2.74
N PHE B 290 -14.04 6.12 -2.30
CA PHE B 290 -12.99 5.20 -2.73
C PHE B 290 -13.16 3.82 -2.11
N ASP B 291 -13.40 3.75 -0.80
CA ASP B 291 -13.48 2.42 -0.21
C ASP B 291 -14.81 1.72 -0.50
N MET B 292 -15.81 2.46 -0.99
CA MET B 292 -17.08 1.83 -1.36
C MET B 292 -16.88 0.75 -2.42
N MET B 293 -15.95 0.94 -3.35
CA MET B 293 -15.80 -0.05 -4.41
C MET B 293 -15.09 -1.30 -3.92
N PHE B 294 -14.10 -1.14 -3.04
CA PHE B 294 -13.52 -2.30 -2.37
C PHE B 294 -14.58 -3.07 -1.61
N LYS B 295 -15.56 -2.37 -1.06
CA LYS B 295 -16.69 -3.07 -0.45
C LYS B 295 -17.53 -3.80 -1.50
N LYS B 296 -17.82 -3.12 -2.62
CA LYS B 296 -18.81 -3.61 -3.56
C LYS B 296 -18.33 -4.86 -4.31
N LEU B 297 -17.03 -4.95 -4.59
CA LEU B 297 -16.52 -6.08 -5.36
C LEU B 297 -16.99 -7.43 -4.81
N ASN B 298 -17.18 -7.52 -3.49
CA ASN B 298 -17.52 -8.79 -2.87
C ASN B 298 -18.91 -9.25 -3.28
N ASP B 299 -19.87 -8.33 -3.40
CA ASP B 299 -21.19 -8.73 -3.85
C ASP B 299 -21.29 -8.79 -5.37
N MET B 300 -20.42 -8.08 -6.08
CA MET B 300 -20.30 -8.29 -7.51
C MET B 300 -19.91 -9.74 -7.81
N LYS B 301 -19.03 -10.31 -6.99
CA LYS B 301 -18.68 -11.72 -7.14
C LYS B 301 -19.89 -12.62 -6.95
N ILE B 302 -20.80 -12.25 -6.06
CA ILE B 302 -22.01 -13.05 -5.85
C ILE B 302 -22.95 -12.94 -7.05
N SER B 303 -23.08 -11.73 -7.60
CA SER B 303 -23.85 -11.57 -8.83
C SER B 303 -23.29 -12.46 -9.94
N MET B 304 -21.97 -12.51 -10.06
CA MET B 304 -21.38 -13.38 -11.08
C MET B 304 -21.61 -14.86 -10.75
N ALA B 305 -21.71 -15.22 -9.46
CA ALA B 305 -22.09 -16.58 -9.11
C ALA B 305 -23.50 -16.90 -9.60
N TYR B 306 -24.42 -15.95 -9.44
CA TYR B 306 -25.76 -16.11 -10.00
C TYR B 306 -25.70 -16.33 -11.50
N ILE B 307 -24.84 -15.57 -12.19
CA ILE B 307 -24.69 -15.75 -13.63
C ILE B 307 -24.16 -17.15 -13.94
N GLU B 308 -23.27 -17.67 -13.07
CA GLU B 308 -22.79 -19.04 -13.26
C GLU B 308 -23.93 -20.04 -13.17
N TRP B 309 -24.82 -19.86 -12.20
CA TRP B 309 -25.99 -20.73 -12.08
C TRP B 309 -26.85 -20.65 -13.34
N TYR B 310 -27.08 -19.44 -13.83
CA TYR B 310 -27.86 -19.26 -15.05
C TYR B 310 -27.22 -19.98 -16.23
N LYS B 311 -25.90 -19.85 -16.36
CA LYS B 311 -25.19 -20.52 -17.45
C LYS B 311 -25.32 -22.04 -17.35
N LYS B 312 -25.22 -22.57 -16.13
CA LYS B 312 -25.39 -24.01 -15.94
C LYS B 312 -26.78 -24.46 -16.38
N LYS B 313 -27.81 -23.74 -15.94
CA LYS B 313 -29.17 -24.12 -16.32
C LYS B 313 -29.36 -24.04 -17.83
N CYS B 314 -28.84 -22.98 -18.47
CA CYS B 314 -28.96 -22.87 -19.92
C CYS B 314 -28.23 -23.99 -20.63
N LYS B 315 -27.09 -24.45 -20.08
CA LYS B 315 -26.40 -25.57 -20.67
C LYS B 315 -27.18 -26.87 -20.48
N GLU B 316 -28.02 -26.96 -19.44
CA GLU B 316 -28.80 -28.17 -19.24
C GLU B 316 -29.79 -28.40 -20.40
N VAL B 317 -30.39 -27.33 -20.92
CA VAL B 317 -31.43 -27.48 -21.93
C VAL B 317 -30.82 -27.44 -23.33
N LYS B 318 -29.50 -27.52 -23.41
CA LYS B 318 -28.76 -27.63 -24.67
C LYS B 318 -28.93 -26.42 -25.58
N ILE B 319 -29.19 -25.25 -25.00
CA ILE B 319 -29.27 -24.02 -25.78
C ILE B 319 -28.00 -23.19 -25.63
N GLY B 320 -27.45 -23.11 -24.43
CA GLY B 320 -26.33 -22.25 -24.17
C GLY B 320 -26.80 -20.87 -23.78
N TYR B 321 -26.14 -20.26 -22.78
CA TYR B 321 -26.65 -19.02 -22.22
C TYR B 321 -26.57 -17.85 -23.21
N TYR B 322 -25.71 -17.94 -24.23
CA TYR B 322 -25.66 -16.89 -25.23
C TYR B 322 -26.97 -16.80 -26.01
N ASP B 323 -27.35 -17.91 -26.65
CA ASP B 323 -28.55 -17.92 -27.47
C ASP B 323 -29.81 -17.86 -26.62
N ARG B 324 -29.78 -18.46 -25.43
CA ARG B 324 -30.92 -18.32 -24.53
C ARG B 324 -31.10 -16.87 -24.10
N PHE B 325 -30.01 -16.19 -23.78
CA PHE B 325 -30.09 -14.77 -23.44
C PHE B 325 -30.61 -13.96 -24.61
N LYS B 326 -30.16 -14.28 -25.82
CA LYS B 326 -30.65 -13.58 -27.01
C LYS B 326 -32.15 -13.77 -27.19
N THR B 327 -32.60 -15.03 -27.14
CA THR B 327 -34.02 -15.34 -27.22
C THR B 327 -34.82 -14.54 -26.20
N GLN B 328 -34.45 -14.63 -24.92
CA GLN B 328 -35.22 -13.95 -23.89
C GLN B 328 -35.14 -12.44 -24.03
N LEU B 329 -34.05 -11.91 -24.59
CA LEU B 329 -33.97 -10.48 -24.86
C LEU B 329 -34.91 -10.10 -26.00
N ALA B 330 -35.19 -11.05 -26.89
CA ALA B 330 -36.16 -10.79 -27.95
C ALA B 330 -37.59 -10.89 -27.44
N PHE B 331 -37.89 -11.96 -26.69
CA PHE B 331 -39.23 -12.21 -26.16
C PHE B 331 -39.12 -12.54 -24.68
N PRO B 332 -39.20 -11.54 -23.81
CA PRO B 332 -39.10 -11.81 -22.36
C PRO B 332 -40.26 -12.64 -21.84
N SER B 333 -39.98 -13.89 -21.48
CA SER B 333 -40.99 -14.78 -20.93
C SER B 333 -40.64 -15.25 -19.52
N LYS B 334 -39.43 -15.73 -19.31
CA LYS B 334 -39.00 -16.17 -17.99
C LYS B 334 -38.58 -14.96 -17.17
N GLU B 335 -39.09 -14.86 -15.94
CA GLU B 335 -38.74 -13.73 -15.10
C GLU B 335 -37.36 -13.91 -14.47
N PHE B 336 -36.93 -15.17 -14.28
CA PHE B 336 -35.57 -15.44 -13.85
C PHE B 336 -34.56 -14.77 -14.78
N ASP B 337 -34.76 -14.93 -16.09
CA ASP B 337 -33.86 -14.30 -17.06
C ASP B 337 -34.03 -12.78 -17.07
N ILE B 338 -35.25 -12.29 -16.81
CA ILE B 338 -35.45 -10.86 -16.68
C ILE B 338 -34.63 -10.30 -15.54
N ASN B 339 -34.56 -11.03 -14.43
CA ASN B 339 -33.73 -10.62 -13.30
C ASN B 339 -32.26 -10.71 -13.64
N ILE B 340 -31.85 -11.79 -14.32
CA ILE B 340 -30.46 -11.94 -14.75
C ILE B 340 -30.03 -10.75 -15.59
N LYS B 341 -30.88 -10.29 -16.50
CA LYS B 341 -30.50 -9.23 -17.41
C LYS B 341 -30.59 -7.86 -16.75
N ASN B 342 -31.65 -7.61 -15.99
CA ASN B 342 -31.93 -6.27 -15.51
C ASN B 342 -31.18 -5.92 -14.22
N HIS B 343 -30.85 -6.92 -13.40
CA HIS B 343 -30.30 -6.68 -12.08
C HIS B 343 -28.86 -7.13 -11.95
N HIS B 344 -28.52 -8.32 -12.42
CA HIS B 344 -27.15 -8.79 -12.27
C HIS B 344 -26.23 -8.15 -13.31
N LYS B 345 -26.56 -8.29 -14.59
CA LYS B 345 -25.66 -7.85 -15.66
C LYS B 345 -25.51 -6.33 -15.65
N SER B 346 -26.61 -5.59 -15.46
CA SER B 346 -26.51 -4.13 -15.47
C SER B 346 -25.60 -3.63 -14.36
N GLU B 347 -25.71 -4.22 -13.17
CA GLU B 347 -24.87 -3.77 -12.06
C GLU B 347 -23.42 -4.21 -12.24
N LEU B 348 -23.20 -5.43 -12.76
CA LEU B 348 -21.83 -5.81 -13.10
C LEU B 348 -21.20 -4.82 -14.06
N ASN B 349 -21.94 -4.44 -15.10
CA ASN B 349 -21.43 -3.50 -16.09
C ASN B 349 -21.14 -2.14 -15.46
N ARG B 350 -22.09 -1.60 -14.70
CA ARG B 350 -21.90 -0.30 -14.07
C ARG B 350 -20.69 -0.32 -13.14
N PHE B 351 -20.57 -1.36 -12.32
CA PHE B 351 -19.47 -1.45 -11.37
C PHE B 351 -18.13 -1.50 -12.08
N TRP B 352 -17.99 -2.39 -13.07
CA TRP B 352 -16.70 -2.53 -13.71
C TRP B 352 -16.36 -1.32 -14.59
N LYS B 353 -17.37 -0.67 -15.17
CA LYS B 353 -17.12 0.59 -15.86
C LYS B 353 -16.57 1.63 -14.91
N SER B 354 -17.18 1.76 -13.73
CA SER B 354 -16.68 2.69 -12.73
C SER B 354 -15.26 2.34 -12.31
N VAL B 355 -14.99 1.04 -12.15
CA VAL B 355 -13.65 0.60 -11.75
C VAL B 355 -12.62 1.05 -12.77
N VAL B 356 -12.86 0.73 -14.05
CA VAL B 356 -11.87 1.07 -15.07
C VAL B 356 -11.76 2.58 -15.23
N GLU B 357 -12.87 3.30 -15.10
CA GLU B 357 -12.81 4.76 -15.23
C GLU B 357 -12.02 5.38 -14.08
N GLU B 358 -12.07 4.80 -12.89
CA GLU B 358 -11.39 5.39 -11.74
C GLU B 358 -9.93 4.96 -11.64
N VAL B 359 -9.59 3.75 -12.07
CA VAL B 359 -8.25 3.24 -11.84
C VAL B 359 -7.26 3.85 -12.83
N GLU B 360 -7.68 4.08 -14.08
CA GLU B 360 -6.75 4.59 -15.07
C GLU B 360 -6.35 6.03 -14.80
N ARG B 361 -7.01 6.73 -13.88
CA ARG B 361 -6.57 8.05 -13.46
C ARG B 361 -5.80 8.03 -12.14
N ARG B 362 -5.96 6.99 -11.33
CA ARG B 362 -5.23 6.83 -10.07
C ARG B 362 -4.78 5.39 -9.98
N PRO B 363 -3.52 5.10 -10.32
CA PRO B 363 -3.04 3.72 -10.28
C PRO B 363 -3.16 3.12 -8.89
N GLN B 364 -3.39 1.81 -8.84
CA GLN B 364 -3.57 1.09 -7.59
C GLN B 364 -2.34 0.25 -7.27
N SER B 365 -1.92 0.29 -6.01
CA SER B 365 -0.91 -0.60 -5.46
C SER B 365 0.48 -0.37 -6.04
N ASP B 366 0.56 0.54 -7.01
CA ASP B 366 1.86 0.87 -7.66
C ASP B 366 2.30 -0.26 -8.59
N ALA B 367 2.34 -1.51 -8.10
CA ALA B 367 2.88 -2.60 -8.95
C ALA B 367 2.03 -2.78 -10.21
N SER B 368 0.69 -2.77 -10.10
CA SER B 368 -0.15 -2.84 -11.31
C SER B 368 -1.53 -2.23 -11.07
N ILE B 369 -2.22 -1.78 -12.12
CA ILE B 369 -3.63 -1.31 -11.96
C ILE B 369 -4.46 -2.54 -11.59
N LEU B 370 -5.50 -2.39 -10.75
CA LEU B 370 -6.24 -3.59 -10.28
C LEU B 370 -5.19 -4.51 -9.66
N LYS B 371 -4.73 -4.18 -8.45
CA LYS B 371 -3.60 -4.90 -7.86
C LYS B 371 -3.55 -6.40 -8.15
N ARG B 372 -4.43 -7.20 -7.55
CA ARG B 372 -4.56 -8.59 -8.02
C ARG B 372 -5.98 -9.12 -8.02
N ARG B 373 -6.85 -8.67 -7.12
CA ARG B 373 -8.22 -9.17 -7.10
C ARG B 373 -9.04 -8.53 -8.22
N PHE B 374 -8.83 -7.24 -8.46
CA PHE B 374 -9.60 -6.52 -9.46
C PHE B 374 -9.23 -6.98 -10.86
N LEU B 375 -7.94 -7.14 -11.14
CA LEU B 375 -7.50 -7.53 -12.48
C LEU B 375 -8.07 -8.90 -12.85
N PHE B 376 -7.92 -9.89 -11.98
CA PHE B 376 -8.36 -11.24 -12.31
C PHE B 376 -9.87 -11.36 -12.29
N SER B 377 -10.53 -10.74 -11.31
CA SER B 377 -11.99 -10.75 -11.32
C SER B 377 -12.54 -10.03 -12.54
N GLY B 378 -11.88 -8.98 -13.01
CA GLY B 378 -12.34 -8.30 -14.20
C GLY B 378 -12.09 -9.10 -15.46
N ASN B 379 -10.99 -9.84 -15.51
CA ASN B 379 -10.78 -10.74 -16.64
C ASN B 379 -11.89 -11.78 -16.72
N ASN B 380 -12.24 -12.38 -15.58
CA ASN B 380 -13.32 -13.35 -15.58
C ASN B 380 -14.66 -12.70 -15.93
N TYR B 381 -14.89 -11.49 -15.39
CA TYR B 381 -16.10 -10.75 -15.72
C TYR B 381 -16.21 -10.49 -17.22
N ARG B 382 -15.11 -10.08 -17.84
CA ARG B 382 -15.12 -9.85 -19.28
C ARG B 382 -15.45 -11.13 -20.03
N ARG B 383 -14.66 -12.18 -19.78
CA ARG B 383 -14.85 -13.43 -20.51
C ARG B 383 -16.20 -14.08 -20.23
N MET B 384 -16.93 -13.64 -19.21
CA MET B 384 -18.25 -14.18 -18.94
C MET B 384 -19.40 -13.29 -19.42
N ILE B 385 -19.22 -11.98 -19.42
CA ILE B 385 -20.33 -11.06 -19.68
C ILE B 385 -20.27 -10.40 -21.05
N GLU B 386 -19.09 -10.32 -21.68
CA GLU B 386 -19.05 -9.68 -23.00
C GLU B 386 -19.91 -10.41 -24.04
N PRO B 387 -20.01 -11.74 -24.06
CA PRO B 387 -20.96 -12.37 -24.98
C PRO B 387 -22.39 -11.85 -24.86
N LEU B 388 -22.84 -11.52 -23.66
CA LEU B 388 -24.19 -10.98 -23.52
C LEU B 388 -24.31 -9.62 -24.17
N ASP B 389 -23.31 -8.77 -23.99
CA ASP B 389 -23.33 -7.47 -24.65
C ASP B 389 -23.22 -7.62 -26.16
N ILE B 390 -22.54 -8.67 -26.63
CA ILE B 390 -22.45 -8.91 -28.06
C ILE B 390 -23.80 -9.33 -28.61
N ALA B 391 -24.52 -10.19 -27.88
CA ALA B 391 -25.88 -10.53 -28.26
C ALA B 391 -26.76 -9.29 -28.34
N GLU B 392 -26.68 -8.44 -27.31
CA GLU B 392 -27.49 -7.22 -27.32
C GLU B 392 -27.08 -6.27 -28.44
N TYR B 393 -25.81 -6.29 -28.82
CA TYR B 393 -25.32 -5.43 -29.88
C TYR B 393 -25.85 -5.88 -31.24
N TYR B 394 -25.78 -7.19 -31.51
CA TYR B 394 -26.16 -7.67 -32.83
C TYR B 394 -27.66 -7.92 -32.96
N LEU B 395 -28.40 -7.97 -31.85
CA LEU B 395 -29.85 -7.99 -31.97
C LEU B 395 -30.38 -6.60 -32.34
N GLU B 396 -29.68 -5.54 -31.93
CA GLU B 396 -30.03 -4.19 -32.30
C GLU B 396 -29.77 -3.89 -33.78
N GLY B 397 -29.10 -4.78 -34.49
CA GLY B 397 -28.87 -4.61 -35.91
C GLY B 397 -27.58 -3.94 -36.29
N ARG B 398 -26.63 -3.80 -35.37
CA ARG B 398 -25.35 -3.19 -35.69
C ARG B 398 -24.39 -4.24 -36.22
N LYS B 399 -23.19 -3.78 -36.62
CA LYS B 399 -22.24 -4.63 -37.32
C LYS B 399 -20.83 -4.37 -36.81
N GLU B 400 -19.94 -5.32 -37.11
CA GLU B 400 -18.50 -5.19 -36.87
C GLU B 400 -18.21 -4.76 -35.45
N TYR B 401 -18.55 -5.65 -34.52
CA TYR B 401 -18.39 -5.37 -33.10
C TYR B 401 -16.93 -5.15 -32.73
N ARG B 402 -16.05 -6.07 -33.13
CA ARG B 402 -14.68 -6.04 -32.64
C ARG B 402 -13.98 -4.73 -32.94
N THR B 403 -14.29 -4.10 -34.07
CA THR B 403 -13.63 -2.85 -34.44
C THR B 403 -14.45 -1.61 -34.08
N THR B 404 -15.75 -1.75 -33.85
CA THR B 404 -16.61 -0.61 -33.57
C THR B 404 -17.47 -0.75 -32.33
N GLY B 405 -17.67 -1.95 -31.81
CA GLY B 405 -18.69 -2.17 -30.80
C GLY B 405 -18.26 -2.12 -29.35
N ARG B 406 -17.21 -2.86 -28.99
CA ARG B 406 -16.89 -3.04 -27.58
C ARG B 406 -16.51 -1.74 -26.91
N SER B 407 -17.02 -1.55 -25.70
CA SER B 407 -16.79 -0.34 -24.94
C SER B 407 -15.36 -0.31 -24.38
N HIS B 408 -14.99 0.83 -23.83
CA HIS B 408 -13.60 1.07 -23.44
C HIS B 408 -13.14 0.09 -22.35
N HIS B 409 -13.97 -0.12 -21.34
CA HIS B 409 -13.51 -0.89 -20.18
C HIS B 409 -13.22 -2.34 -20.55
N TYR B 410 -13.92 -2.89 -21.54
CA TYR B 410 -13.65 -4.27 -21.94
C TYR B 410 -12.24 -4.41 -22.49
N VAL B 411 -11.86 -3.54 -23.44
CA VAL B 411 -10.52 -3.66 -24.03
C VAL B 411 -9.47 -3.26 -23.00
N MET B 412 -9.80 -2.34 -22.08
CA MET B 412 -8.86 -2.02 -21.02
C MET B 412 -8.56 -3.24 -20.16
N LEU B 413 -9.60 -3.95 -19.74
CA LEU B 413 -9.40 -5.17 -18.95
C LEU B 413 -8.61 -6.20 -19.72
N GLU B 414 -8.95 -6.38 -21.00
CA GLU B 414 -8.24 -7.37 -21.82
C GLU B 414 -6.75 -7.05 -21.92
N LYS B 415 -6.43 -5.79 -22.22
CA LYS B 415 -5.03 -5.40 -22.39
C LYS B 415 -4.28 -5.46 -21.07
N TRP B 416 -4.91 -5.03 -19.97
CA TRP B 416 -4.23 -5.05 -18.68
C TRP B 416 -4.00 -6.46 -18.19
N PHE B 417 -4.88 -7.40 -18.56
CA PHE B 417 -4.59 -8.79 -18.21
C PHE B 417 -3.55 -9.40 -19.14
N GLY B 418 -3.53 -8.98 -20.41
CA GLY B 418 -2.51 -9.49 -21.32
C GLY B 418 -1.12 -9.04 -20.93
N MET B 419 -1.00 -7.81 -20.42
CA MET B 419 0.31 -7.28 -20.05
C MET B 419 0.98 -8.15 -18.98
N GLU B 420 0.20 -8.64 -18.03
CA GLU B 420 0.74 -9.44 -16.94
C GLU B 420 0.60 -10.94 -17.18
N SER B 421 -0.14 -11.35 -18.20
CA SER B 421 -0.28 -12.76 -18.52
C SER B 421 1.01 -13.37 -19.07
N ILE B 422 1.92 -12.53 -19.58
CA ILE B 422 3.17 -13.05 -20.10
C ILE B 422 4.20 -13.23 -18.98
N LEU B 423 4.10 -12.45 -17.91
CA LEU B 423 5.08 -12.54 -16.84
C LEU B 423 4.86 -13.75 -15.96
N ILE B 424 3.67 -14.33 -15.99
CA ILE B 424 3.34 -15.47 -15.13
C ILE B 424 3.58 -16.77 -15.90
N GLU B 425 4.05 -17.78 -15.18
CA GLU B 425 4.35 -19.08 -15.76
C GLU B 425 3.16 -20.01 -15.53
N LYS B 426 2.70 -20.65 -16.61
CA LYS B 426 1.51 -21.48 -16.54
C LYS B 426 1.64 -22.63 -17.52
N GLU B 427 0.87 -23.68 -17.26
CA GLU B 427 0.84 -24.86 -18.11
C GLU B 427 -0.61 -25.25 -18.38
N ARG B 428 -0.86 -25.74 -19.58
CA ARG B 428 -2.22 -26.14 -20.01
C ARG B 428 -2.18 -27.61 -20.37
N CYS B 429 -2.60 -28.46 -19.43
CA CYS B 429 -2.64 -29.90 -19.69
C CYS B 429 -3.59 -30.20 -20.84
N LYS B 430 -3.33 -31.31 -21.52
CA LYS B 430 -4.10 -31.68 -22.70
C LYS B 430 -5.29 -32.57 -22.37
N LYS B 431 -5.14 -33.48 -21.40
CA LYS B 431 -6.22 -34.41 -21.06
C LYS B 431 -6.98 -33.85 -19.86
N ARG B 432 -7.87 -32.90 -20.13
CA ARG B 432 -8.69 -32.27 -19.11
C ARG B 432 -10.10 -32.08 -19.62
N ASP B 433 -11.03 -31.92 -18.68
CA ASP B 433 -12.37 -31.50 -19.03
C ASP B 433 -12.40 -29.99 -19.26
N LEU B 434 -13.14 -29.57 -20.29
CA LEU B 434 -13.28 -28.16 -20.63
C LEU B 434 -14.71 -27.67 -20.49
N SER B 435 -15.58 -28.42 -19.80
CA SER B 435 -16.98 -28.08 -19.75
C SER B 435 -17.23 -26.70 -19.18
N ASP B 436 -16.31 -26.18 -18.35
CA ASP B 436 -16.46 -24.86 -17.76
C ASP B 436 -15.39 -23.89 -18.21
N LEU B 437 -14.66 -24.21 -19.27
CA LEU B 437 -13.66 -23.29 -19.80
C LEU B 437 -14.33 -22.07 -20.44
N LEU B 438 -14.04 -20.89 -19.91
CA LEU B 438 -14.47 -19.66 -20.56
C LEU B 438 -13.54 -19.36 -21.73
N THR B 439 -14.13 -18.99 -22.87
CA THR B 439 -13.36 -18.76 -24.08
C THR B 439 -12.57 -17.46 -23.96
N PHE B 440 -11.27 -17.54 -24.25
CA PHE B 440 -10.41 -16.36 -24.08
C PHE B 440 -10.79 -15.25 -25.04
N ASP B 441 -10.99 -15.58 -26.31
CA ASP B 441 -11.41 -14.59 -27.28
C ASP B 441 -12.89 -14.29 -27.07
N SER B 442 -13.19 -13.36 -26.15
CA SER B 442 -14.56 -13.06 -25.79
C SER B 442 -15.38 -12.49 -26.94
N CYS B 443 -14.75 -12.15 -28.07
CA CYS B 443 -15.46 -11.66 -29.23
C CYS B 443 -15.76 -12.77 -30.24
N PHE B 444 -15.68 -14.02 -29.81
CA PHE B 444 -15.96 -15.15 -30.71
C PHE B 444 -17.36 -15.07 -31.29
N TRP B 445 -18.35 -14.74 -30.46
CA TRP B 445 -19.73 -14.70 -30.94
C TRP B 445 -19.95 -13.55 -31.90
N ALA B 446 -19.24 -12.44 -31.74
CA ALA B 446 -19.33 -11.35 -32.72
C ALA B 446 -18.89 -11.84 -34.10
N GLU B 447 -17.79 -12.59 -34.16
CA GLU B 447 -17.33 -13.12 -35.43
C GLU B 447 -18.30 -14.15 -35.99
N VAL B 448 -18.88 -14.98 -35.12
CA VAL B 448 -19.86 -15.96 -35.57
C VAL B 448 -21.05 -15.26 -36.21
N GLU B 449 -21.54 -14.20 -35.56
CA GLU B 449 -22.69 -13.48 -36.09
C GLU B 449 -22.35 -12.73 -37.37
N ASP B 450 -21.13 -12.20 -37.47
CA ASP B 450 -20.71 -11.55 -38.71
C ASP B 450 -20.68 -12.55 -39.87
N SER B 451 -20.15 -13.75 -39.62
CA SER B 451 -20.14 -14.77 -40.67
C SER B 451 -21.56 -15.21 -41.02
N LEU B 452 -22.43 -15.29 -40.02
CA LEU B 452 -23.84 -15.59 -40.31
C LEU B 452 -24.45 -14.52 -41.20
N ILE B 453 -24.11 -13.25 -40.95
CA ILE B 453 -24.65 -12.16 -41.74
C ILE B 453 -24.14 -12.23 -43.18
N VAL B 454 -22.85 -12.52 -43.36
CA VAL B 454 -22.35 -12.58 -44.73
C VAL B 454 -22.91 -13.80 -45.46
N ILE B 455 -23.19 -14.90 -44.76
CA ILE B 455 -23.84 -16.02 -45.41
C ILE B 455 -25.27 -15.65 -45.80
N ASN B 456 -25.97 -14.95 -44.92
CA ASN B 456 -27.31 -14.47 -45.25
C ASN B 456 -27.28 -13.60 -46.50
N GLN B 457 -26.27 -12.75 -46.61
CA GLN B 457 -26.11 -11.93 -47.81
C GLN B 457 -25.89 -12.80 -49.04
N LEU B 458 -24.85 -13.65 -49.00
CA LEU B 458 -24.53 -14.51 -50.13
C LEU B 458 -25.68 -15.41 -50.55
N ASN B 459 -26.64 -15.67 -49.66
CA ASN B 459 -27.76 -16.52 -50.05
C ASN B 459 -29.00 -15.75 -50.45
N THR B 460 -29.21 -14.54 -49.95
CA THR B 460 -30.46 -13.82 -50.17
C THR B 460 -30.37 -12.67 -51.15
N THR B 461 -29.33 -11.84 -51.09
CA THR B 461 -29.26 -10.68 -51.97
C THR B 461 -29.09 -11.13 -53.42
N VAL B 462 -29.65 -10.34 -54.33
CA VAL B 462 -29.66 -10.68 -55.75
C VAL B 462 -29.13 -9.48 -56.53
N GLY B 463 -28.59 -9.77 -57.72
CA GLY B 463 -27.97 -8.73 -58.51
C GLY B 463 -26.63 -8.28 -57.99
N MET B 464 -26.07 -8.94 -56.99
CA MET B 464 -24.79 -8.56 -56.42
C MET B 464 -23.65 -8.93 -57.36
N ARG B 465 -22.56 -8.16 -57.26
CA ARG B 465 -21.40 -8.33 -58.11
C ARG B 465 -20.74 -9.69 -57.88
N ASP B 466 -19.74 -9.98 -58.70
CA ASP B 466 -19.02 -11.24 -58.53
C ASP B 466 -17.77 -11.07 -57.67
N ASP B 467 -17.01 -10.00 -57.90
CA ASP B 467 -15.84 -9.75 -57.06
C ASP B 467 -16.23 -9.63 -55.60
N VAL B 468 -17.39 -9.04 -55.32
CA VAL B 468 -17.87 -9.01 -53.94
C VAL B 468 -18.22 -10.42 -53.47
N ARG B 469 -18.70 -11.28 -54.37
CA ARG B 469 -18.98 -12.65 -54.01
C ARG B 469 -17.70 -13.37 -53.57
N GLU B 470 -16.63 -13.21 -54.34
CA GLU B 470 -15.37 -13.82 -53.94
C GLU B 470 -14.75 -13.18 -52.70
N VAL B 471 -14.92 -11.87 -52.47
CA VAL B 471 -14.36 -11.32 -51.23
C VAL B 471 -15.17 -11.79 -50.03
N LEU B 472 -16.46 -12.05 -50.21
CA LEU B 472 -17.22 -12.63 -49.10
C LEU B 472 -16.85 -14.09 -48.89
N THR B 473 -16.48 -14.81 -49.95
CA THR B 473 -15.93 -16.15 -49.75
C THR B 473 -14.58 -16.08 -49.05
N ARG B 474 -13.81 -15.03 -49.33
CA ARG B 474 -12.60 -14.77 -48.55
C ARG B 474 -12.93 -14.66 -47.07
N LYS B 475 -13.92 -13.83 -46.75
CA LYS B 475 -14.38 -13.69 -45.37
C LYS B 475 -14.76 -15.04 -44.77
N LEU B 476 -15.51 -15.85 -45.53
CA LEU B 476 -16.00 -17.11 -45.01
C LEU B 476 -14.86 -18.10 -44.74
N VAL B 477 -13.92 -18.24 -45.69
CA VAL B 477 -12.81 -19.15 -45.47
C VAL B 477 -11.91 -18.64 -44.35
N GLU B 478 -11.79 -17.31 -44.22
CA GLU B 478 -11.02 -16.74 -43.12
C GLU B 478 -11.65 -17.09 -41.78
N PHE B 479 -12.98 -16.95 -41.67
CA PHE B 479 -13.65 -17.28 -40.42
C PHE B 479 -13.57 -18.78 -40.14
N GLU B 480 -13.65 -19.59 -41.19
CA GLU B 480 -13.54 -21.06 -41.02
C GLU B 480 -12.18 -21.37 -40.38
N GLY B 481 -11.11 -20.76 -40.92
CA GLY B 481 -9.76 -20.98 -40.36
C GLY B 481 -9.68 -20.48 -38.93
N TYR B 482 -10.32 -19.34 -38.66
CA TYR B 482 -10.30 -18.76 -37.29
C TYR B 482 -10.98 -19.75 -36.34
N VAL B 483 -12.08 -20.36 -36.79
CA VAL B 483 -12.77 -21.38 -35.95
C VAL B 483 -11.83 -22.58 -35.76
N TRP B 484 -11.11 -22.96 -36.82
CA TRP B 484 -10.25 -24.13 -36.71
C TRP B 484 -9.03 -23.85 -35.84
N GLU B 485 -8.47 -22.64 -35.92
CA GLU B 485 -7.31 -22.32 -35.10
C GLU B 485 -7.69 -22.28 -33.63
N ILE B 486 -8.90 -21.78 -33.31
CA ILE B 486 -9.29 -21.77 -31.91
C ILE B 486 -9.69 -23.16 -31.43
N ILE B 487 -10.17 -24.03 -32.32
CA ILE B 487 -10.53 -25.39 -31.91
C ILE B 487 -9.27 -26.22 -31.65
N THR B 488 -8.41 -26.35 -32.65
CA THR B 488 -7.23 -27.21 -32.49
C THR B 488 -6.31 -26.72 -31.40
N LYS B 489 -6.40 -25.44 -31.02
CA LYS B 489 -5.63 -24.89 -29.92
C LYS B 489 -6.23 -25.24 -28.57
N ARG B 490 -7.41 -25.87 -28.54
CA ARG B 490 -8.13 -26.14 -27.30
C ARG B 490 -8.37 -24.85 -26.52
N GLU B 491 -9.17 -23.97 -27.14
CA GLU B 491 -9.34 -22.63 -26.59
C GLU B 491 -10.82 -22.22 -26.54
N VAL B 492 -11.72 -23.05 -27.03
CA VAL B 492 -13.13 -22.68 -27.11
C VAL B 492 -13.95 -23.63 -26.25
N SER B 493 -15.01 -23.09 -25.65
CA SER B 493 -15.87 -23.87 -24.77
C SER B 493 -16.74 -24.82 -25.59
N PRO B 494 -16.81 -26.10 -25.21
CA PRO B 494 -17.63 -27.05 -25.99
C PRO B 494 -19.11 -26.72 -26.01
N GLU B 495 -19.57 -25.76 -25.20
CA GLU B 495 -20.97 -25.36 -25.22
C GLU B 495 -21.36 -24.69 -26.54
N ILE B 496 -20.41 -24.47 -27.45
CA ILE B 496 -20.76 -24.00 -28.79
C ILE B 496 -21.31 -25.12 -29.64
N PHE B 497 -21.06 -26.37 -29.28
CA PHE B 497 -21.53 -27.52 -30.04
C PHE B 497 -22.91 -27.99 -29.61
N LEU B 498 -23.69 -27.14 -28.97
CA LEU B 498 -25.07 -27.50 -28.64
C LEU B 498 -25.94 -27.42 -29.89
N GLU B 499 -26.99 -28.25 -29.90
CA GLU B 499 -27.83 -28.33 -31.10
C GLU B 499 -28.51 -27.00 -31.39
N GLU B 500 -29.16 -26.41 -30.38
CA GLU B 500 -29.84 -25.14 -30.57
C GLU B 500 -28.89 -23.95 -30.57
N SER B 501 -27.58 -24.18 -30.52
CA SER B 501 -26.63 -23.08 -30.50
C SER B 501 -26.61 -22.34 -31.83
N SER B 502 -26.17 -21.08 -31.78
CA SER B 502 -25.99 -20.32 -33.02
C SER B 502 -24.86 -20.87 -33.86
N PHE B 503 -23.85 -21.46 -33.23
CA PHE B 503 -22.70 -21.95 -33.99
C PHE B 503 -23.08 -23.14 -34.86
N MET B 504 -23.85 -24.09 -34.31
CA MET B 504 -24.25 -25.24 -35.13
C MET B 504 -25.20 -24.82 -36.24
N LYS B 505 -26.05 -23.82 -36.00
CA LYS B 505 -26.88 -23.28 -37.06
C LYS B 505 -26.03 -22.68 -38.17
N TRP B 506 -25.04 -21.86 -37.80
CA TRP B 506 -24.13 -21.30 -38.78
C TRP B 506 -23.40 -22.40 -39.54
N TRP B 507 -23.04 -23.48 -38.85
CA TRP B 507 -22.35 -24.57 -39.52
C TRP B 507 -23.26 -25.26 -40.52
N LYS B 508 -24.53 -25.47 -40.16
CA LYS B 508 -25.48 -26.05 -41.10
C LYS B 508 -25.62 -25.17 -42.35
N GLU B 509 -25.71 -23.85 -42.15
CA GLU B 509 -25.80 -22.95 -43.29
C GLU B 509 -24.54 -23.04 -44.15
N TYR B 510 -23.37 -22.89 -43.53
CA TYR B 510 -22.12 -22.94 -44.27
C TYR B 510 -21.93 -24.28 -44.97
N LYS B 511 -22.49 -25.35 -44.41
CA LYS B 511 -22.41 -26.66 -45.06
C LYS B 511 -23.32 -26.72 -46.27
N LYS B 512 -24.52 -26.16 -46.16
CA LYS B 512 -25.40 -26.04 -47.32
C LYS B 512 -24.72 -25.27 -48.45
N ILE B 513 -24.10 -24.14 -48.13
CA ILE B 513 -23.61 -23.23 -49.16
C ILE B 513 -22.18 -23.54 -49.59
N LYS B 514 -21.51 -24.47 -48.91
CA LYS B 514 -20.12 -24.82 -49.23
C LYS B 514 -20.00 -25.65 -50.51
N GLY B 515 -21.10 -26.20 -51.00
CA GLY B 515 -20.97 -27.21 -52.05
C GLY B 515 -20.30 -28.44 -51.48
N PHE B 516 -19.21 -28.87 -52.11
CA PHE B 516 -18.46 -30.02 -51.62
C PHE B 516 -16.98 -29.71 -51.43
N ASN B 517 -16.66 -28.47 -51.05
CA ASN B 517 -15.29 -28.17 -50.62
C ASN B 517 -15.00 -28.88 -49.30
N SER B 518 -13.77 -29.39 -49.16
CA SER B 518 -13.46 -30.21 -47.95
C SER B 518 -12.36 -29.56 -47.10
N SER B 519 -12.59 -29.47 -45.79
CA SER B 519 -11.59 -28.88 -44.86
C SER B 519 -11.51 -29.75 -43.60
N TYR B 520 -10.39 -29.69 -42.87
CA TYR B 520 -10.23 -30.56 -41.69
C TYR B 520 -11.34 -30.21 -40.69
N LEU B 521 -11.64 -28.91 -40.54
CA LEU B 521 -12.76 -28.51 -39.66
C LEU B 521 -14.06 -29.08 -40.21
N THR B 522 -14.26 -29.03 -41.53
CA THR B 522 -15.54 -29.51 -42.13
C THR B 522 -15.71 -31.01 -41.88
N GLU B 523 -14.63 -31.80 -42.02
CA GLU B 523 -14.72 -33.26 -41.72
C GLU B 523 -14.82 -33.39 -40.20
N PHE B 524 -14.06 -32.60 -39.45
CA PHE B 524 -14.22 -32.58 -38.00
C PHE B 524 -15.68 -32.44 -37.60
N MET B 525 -16.42 -31.57 -38.28
CA MET B 525 -17.85 -31.46 -38.05
C MET B 525 -18.61 -32.65 -38.63
N ASN B 526 -18.01 -33.36 -39.59
CA ASN B 526 -18.67 -34.50 -40.22
C ASN B 526 -18.32 -35.82 -39.55
N THR B 527 -17.09 -35.99 -39.06
CA THR B 527 -16.71 -37.21 -38.37
C THR B 527 -17.35 -37.32 -36.99
N ARG B 528 -18.18 -36.36 -36.58
CA ARG B 528 -18.90 -36.41 -35.31
C ARG B 528 -17.93 -36.51 -34.13
N LYS B 529 -16.79 -35.85 -34.22
CA LYS B 529 -15.84 -35.80 -33.11
C LYS B 529 -15.99 -34.55 -32.27
N TYR B 530 -16.92 -33.66 -32.62
CA TYR B 530 -17.05 -32.40 -31.88
C TYR B 530 -17.67 -32.60 -30.51
N GLU B 531 -18.45 -33.66 -30.31
CA GLU B 531 -18.92 -33.97 -28.97
C GLU B 531 -17.86 -34.69 -28.15
N SER B 532 -16.91 -35.35 -28.80
CA SER B 532 -15.74 -35.87 -28.09
C SER B 532 -14.75 -34.78 -27.76
N TYR B 533 -14.94 -33.57 -28.31
CA TYR B 533 -14.09 -32.44 -27.97
C TYR B 533 -14.36 -31.99 -26.55
N GLY B 534 -13.30 -31.53 -25.87
CA GLY B 534 -13.42 -31.05 -24.51
C GLY B 534 -13.39 -32.12 -23.44
N LYS B 535 -13.26 -33.38 -23.82
CA LYS B 535 -13.20 -34.47 -22.84
C LYS B 535 -11.77 -34.79 -22.45
C1 IPA C . 27.68 12.76 35.25
C2 IPA C . 26.50 13.70 35.06
C3 IPA C . 25.60 13.17 33.95
O2 IPA C . 25.76 13.79 36.26
N1 APR D . -17.59 -21.00 -15.24
C2 APR D . -18.64 -20.70 -14.47
N3 APR D . -18.61 -19.81 -13.47
C4 APR D . -17.47 -19.15 -13.16
C5 APR D . -16.27 -19.43 -13.95
C6 APR D . -16.39 -20.42 -15.04
N6 APR D . -15.32 -20.73 -15.82
N7 APR D . -15.28 -18.67 -13.46
C8 APR D . -15.82 -17.95 -12.43
N9 APR D . -17.12 -18.24 -12.26
C1' APR D . -18.00 -17.66 -11.22
C2' APR D . -17.52 -18.13 -9.86
O2' APR D . -18.46 -19.06 -9.32
C3' APR D . -17.46 -16.90 -8.99
O3' APR D . -18.36 -17.03 -7.89
O4' APR D . -17.87 -16.23 -11.21
C4' APR D . -17.89 -15.75 -9.87
C5' APR D . -16.97 -14.55 -9.74
O5' APR D . -15.82 -14.92 -9.00
PA APR D . -14.36 -14.36 -9.36
O1A APR D . -13.73 -15.26 -10.39
O2A APR D . -14.47 -12.88 -9.61
O3A APR D . -13.57 -14.57 -7.99
PB APR D . -13.81 -15.90 -7.13
O1B APR D . -14.60 -15.53 -5.90
O2B APR D . -14.27 -17.01 -8.04
O5D APR D . -12.33 -16.27 -6.66
C5D APR D . -12.15 -17.38 -5.79
O4D APR D . -9.91 -17.11 -6.52
C1D APR D . -8.82 -17.14 -5.62
O2D APR D . -8.06 -19.19 -4.65
C2D APR D . -9.09 -18.21 -4.59
O3D APR D . -10.09 -20.21 -5.40
C3D APR D . -10.38 -18.87 -4.99
C4D APR D . -10.88 -18.10 -6.18
PG ATP E . -1.61 -8.16 -3.70
O1G ATP E . -0.55 -8.61 -2.73
O2G ATP E . -1.48 -8.79 -5.06
O3G ATP E . -1.87 -6.67 -3.72
PB ATP E . -4.38 -8.06 -3.25
O1B ATP E . -4.73 -7.35 -1.97
O2B ATP E . -4.39 -7.33 -4.56
O3B ATP E . -2.97 -8.80 -3.10
PA ATP E . -5.42 -10.56 -2.46
O1A ATP E . -4.11 -11.30 -2.55
O2A ATP E . -5.97 -10.13 -1.12
O3A ATP E . -5.40 -9.29 -3.45
O5' ATP E . -6.53 -11.43 -3.22
C5' ATP E . -6.25 -11.89 -4.54
C4' ATP E . -7.41 -12.74 -5.00
O4' ATP E . -7.35 -12.99 -6.40
C3' ATP E . -7.37 -14.09 -4.34
O3' ATP E . -8.40 -14.17 -3.35
C2' ATP E . -7.69 -15.07 -5.45
O2' ATP E . -8.79 -15.85 -5.01
C1' ATP E . -8.04 -14.20 -6.64
N9 ATP E . -7.54 -14.86 -7.88
C8 ATP E . -6.29 -15.32 -8.07
N7 ATP E . -6.17 -15.88 -9.30
C5 ATP E . -7.36 -15.79 -9.90
C6 ATP E . -7.93 -16.19 -11.21
N6 ATP E . -7.17 -16.80 -12.14
N1 ATP E . -9.22 -15.91 -11.45
C2 ATP E . -9.99 -15.29 -10.54
N3 ATP E . -9.55 -14.91 -9.33
C4 ATP E . -8.26 -15.13 -8.96
#